data_4JZ7
#
_entry.id   4JZ7
#
_cell.length_a   70.630
_cell.length_b   97.050
_cell.length_c   102.120
_cell.angle_alpha   90.00
_cell.angle_beta   106.69
_cell.angle_gamma   90.00
#
_symmetry.space_group_name_H-M   'P 1 21 1'
#
loop_
_entity.id
_entity.type
_entity.pdbx_description
1 polymer 'Carbamate kinase'
2 non-polymer 'PHOSPHOAMINOPHOSPHONIC ACID-ADENYLATE ESTER'
3 water water
#
_entity_poly.entity_id   1
_entity_poly.type   'polypeptide(L)'
_entity_poly.pdbx_seq_one_letter_code
;GMSAGKTVVIALGGNAMLQAKEKGDYDTQRKNVEIAASEIYKIHKAGYKVVLTSGNGPQVGAIKLQNQAAAGVSPEMPLH
VCGAMSQGFIGYMMSQAMDNVFCANNEPANCVTCVTQTLVDPKDQAFTNPTKPVGRFYTEQEAKDLMAANPGKILREDAG
RGWRVVVPSPRPLEIVEYGVIKTLIDNNVLVICTNGGGIPCKRENKVISGVDAVIDKDLATSLLAKTLNSDYLMILTDVL
NACINYKKPDERKLEEIKLSEILALEKDGHFAAGSMGPKVRAAIEFTQATGKMSIITSLSTAVDALNGKCGTRIIKD
;
_entity_poly.pdbx_strand_id   A,B,C,D
#
# COMPACT_ATOMS: atom_id res chain seq x y z
N MET A 2 42.11 -19.30 17.73
CA MET A 2 42.46 -19.19 19.14
C MET A 2 43.21 -17.90 19.49
N SER A 3 43.71 -17.85 20.72
CA SER A 3 44.26 -16.65 21.34
C SER A 3 45.51 -16.12 20.65
N ALA A 4 46.33 -17.01 20.09
CA ALA A 4 47.61 -16.59 19.52
C ALA A 4 47.48 -15.72 18.27
N GLY A 5 46.32 -15.83 17.61
CA GLY A 5 46.13 -15.31 16.28
C GLY A 5 46.18 -13.80 16.11
N LYS A 6 46.73 -13.38 14.95
CA LYS A 6 46.68 -11.98 14.53
C LYS A 6 45.25 -11.63 14.13
N THR A 7 44.97 -10.33 14.12
CA THR A 7 43.63 -9.87 13.84
C THR A 7 43.59 -9.36 12.43
N VAL A 8 42.56 -9.71 11.68
CA VAL A 8 42.43 -9.15 10.36
C VAL A 8 41.00 -8.65 10.23
N VAL A 9 40.87 -7.44 9.69
CA VAL A 9 39.59 -6.79 9.59
C VAL A 9 39.13 -6.84 8.14
N ILE A 10 37.97 -7.45 7.91
CA ILE A 10 37.59 -7.81 6.57
C ILE A 10 36.31 -7.14 6.09
N ALA A 11 36.41 -6.40 4.99
CA ALA A 11 35.23 -5.71 4.43
C ALA A 11 34.68 -6.39 3.17
N LEU A 12 33.56 -7.10 3.28
CA LEU A 12 32.95 -7.71 2.11
C LEU A 12 32.28 -6.64 1.23
N GLY A 13 32.21 -6.94 -0.06
CA GLY A 13 31.57 -6.05 -1.01
C GLY A 13 30.18 -6.50 -1.43
N GLY A 14 29.64 -5.85 -2.46
CA GLY A 14 28.33 -6.19 -2.98
C GLY A 14 28.24 -7.66 -3.34
N ASN A 15 29.33 -8.23 -3.85
CA ASN A 15 29.29 -9.57 -4.45
C ASN A 15 29.20 -10.70 -3.41
N ALA A 16 29.04 -10.31 -2.16
CA ALA A 16 28.90 -11.28 -1.09
C ALA A 16 27.43 -11.63 -0.97
N MET A 17 26.60 -10.88 -1.69
CA MET A 17 25.17 -11.07 -1.59
C MET A 17 24.46 -11.02 -2.93
N LEU A 18 24.98 -10.25 -3.86
CA LEU A 18 24.40 -10.15 -5.20
C LEU A 18 25.48 -10.27 -6.27
N GLN A 19 25.27 -11.18 -7.22
CA GLN A 19 26.12 -11.25 -8.41
C GLN A 19 25.52 -10.30 -9.42
N ALA A 20 26.28 -9.95 -10.45
CA ALA A 20 25.77 -8.99 -11.44
C ALA A 20 24.45 -9.47 -12.03
N LYS A 21 23.45 -8.58 -12.02
CA LYS A 21 22.13 -8.89 -12.55
C LYS A 21 21.38 -10.02 -11.78
N GLU A 22 21.75 -10.24 -10.53
CA GLU A 22 20.99 -11.12 -9.64
C GLU A 22 19.92 -10.31 -8.90
N LYS A 23 18.73 -10.89 -8.75
CA LYS A 23 17.63 -10.16 -8.13
C LYS A 23 17.60 -10.34 -6.60
N GLY A 24 16.97 -9.40 -5.91
CA GLY A 24 17.16 -9.27 -4.47
C GLY A 24 16.39 -10.21 -3.57
N ASP A 25 16.16 -11.45 -3.99
CA ASP A 25 15.42 -12.33 -3.08
C ASP A 25 16.25 -13.00 -1.95
N TYR A 26 15.54 -13.42 -0.91
CA TYR A 26 16.22 -14.03 0.20
C TYR A 26 17.10 -15.19 -0.28
N ASP A 27 16.55 -16.19 -0.96
CA ASP A 27 17.35 -17.41 -1.20
C ASP A 27 18.62 -17.16 -2.06
N THR A 28 18.52 -16.25 -3.01
CA THR A 28 19.66 -15.84 -3.81
C THR A 28 20.79 -15.21 -2.98
N GLN A 29 20.40 -14.36 -2.03
CA GLN A 29 21.38 -13.69 -1.17
C GLN A 29 21.99 -14.71 -0.18
N ARG A 30 21.15 -15.59 0.34
CA ARG A 30 21.62 -16.65 1.24
C ARG A 30 22.71 -17.47 0.58
N LYS A 31 22.47 -17.88 -0.66
CA LYS A 31 23.41 -18.72 -1.40
C LYS A 31 24.75 -18.03 -1.53
N ASN A 32 24.68 -16.72 -1.77
CA ASN A 32 25.88 -15.90 -1.91
C ASN A 32 26.66 -15.81 -0.62
N VAL A 33 25.96 -15.59 0.49
CA VAL A 33 26.64 -15.46 1.78
C VAL A 33 27.33 -16.76 2.19
N GLU A 34 26.61 -17.89 2.08
CA GLU A 34 27.22 -19.22 2.31
C GLU A 34 28.54 -19.35 1.60
N ILE A 35 28.53 -19.14 0.29
CA ILE A 35 29.75 -19.14 -0.50
C ILE A 35 30.74 -18.20 0.15
N ALA A 36 30.34 -16.94 0.31
CA ALA A 36 31.16 -15.94 0.99
C ALA A 36 31.70 -16.45 2.34
N ALA A 37 30.90 -17.22 3.08
CA ALA A 37 31.32 -17.70 4.39
C ALA A 37 32.40 -18.77 4.29
N SER A 38 32.42 -19.51 3.18
CA SER A 38 33.48 -20.53 2.99
C SER A 38 34.86 -19.89 2.88
N GLU A 39 34.97 -18.84 2.08
CA GLU A 39 36.22 -18.10 2.03
C GLU A 39 36.62 -17.58 3.41
N ILE A 40 35.67 -17.00 4.14
CA ILE A 40 36.05 -16.51 5.47
C ILE A 40 36.50 -17.61 6.41
N TYR A 41 35.81 -18.77 6.41
CA TYR A 41 36.17 -19.83 7.35
C TYR A 41 37.63 -20.21 7.21
N LYS A 42 38.09 -20.32 5.98
CA LYS A 42 39.51 -20.59 5.71
C LYS A 42 40.41 -19.62 6.48
N ILE A 43 40.04 -18.34 6.50
CA ILE A 43 40.90 -17.37 7.17
C ILE A 43 40.94 -17.64 8.68
N HIS A 44 39.77 -17.93 9.25
CA HIS A 44 39.71 -18.34 10.64
C HIS A 44 40.42 -19.66 10.92
N LYS A 45 40.33 -20.62 9.98
CA LYS A 45 40.99 -21.91 10.15
C LYS A 45 42.50 -21.76 10.10
N ALA A 46 42.95 -20.85 9.23
CA ALA A 46 44.38 -20.58 9.13
C ALA A 46 44.92 -20.00 10.45
N GLY A 47 44.01 -19.74 11.39
CA GLY A 47 44.39 -19.29 12.72
C GLY A 47 44.25 -17.80 12.97
N TYR A 48 43.64 -17.07 12.03
CA TYR A 48 43.49 -15.62 12.18
C TYR A 48 42.26 -15.26 12.99
N LYS A 49 42.36 -14.12 13.70
CA LYS A 49 41.23 -13.55 14.44
C LYS A 49 40.46 -12.72 13.42
N VAL A 50 39.13 -12.88 13.34
CA VAL A 50 38.38 -12.20 12.27
C VAL A 50 37.32 -11.19 12.74
N VAL A 51 37.33 -10.02 12.10
CA VAL A 51 36.24 -9.06 12.20
C VAL A 51 35.67 -8.78 10.82
N LEU A 52 34.38 -9.06 10.66
CA LEU A 52 33.68 -8.99 9.38
C LEU A 52 32.81 -7.76 9.26
N THR A 53 32.72 -7.23 8.06
CA THR A 53 32.05 -5.96 7.84
C THR A 53 31.51 -6.15 6.46
N SER A 54 30.58 -5.29 6.05
CA SER A 54 30.08 -5.36 4.69
C SER A 54 29.41 -4.06 4.29
N GLY A 55 28.79 -4.06 3.13
CA GLY A 55 28.01 -2.93 2.67
C GLY A 55 26.55 -3.30 2.74
N ASN A 56 25.65 -2.33 2.55
CA ASN A 56 24.23 -2.62 2.62
C ASN A 56 23.37 -1.98 1.53
N GLY A 57 24.01 -1.36 0.53
CA GLY A 57 23.32 -0.54 -0.48
C GLY A 57 22.01 -1.09 -1.05
N PRO A 58 22.14 -2.20 -1.81
CA PRO A 58 21.00 -2.92 -2.38
C PRO A 58 20.00 -3.29 -1.31
N GLN A 59 20.46 -3.77 -0.16
CA GLN A 59 19.56 -4.22 0.91
C GLN A 59 18.83 -3.08 1.57
N VAL A 60 19.52 -1.98 1.85
CA VAL A 60 18.86 -0.88 2.55
C VAL A 60 17.94 -0.13 1.58
N GLY A 61 18.35 -0.06 0.32
CA GLY A 61 17.53 0.54 -0.71
C GLY A 61 16.21 -0.20 -0.86
N ALA A 62 16.28 -1.53 -0.85
CA ALA A 62 15.08 -2.35 -0.97
C ALA A 62 14.13 -2.08 0.21
N ILE A 63 14.65 -2.12 1.43
CA ILE A 63 13.88 -1.73 2.61
C ILE A 63 13.29 -0.33 2.43
N LYS A 64 14.11 0.65 2.04
CA LYS A 64 13.59 2.01 1.84
C LYS A 64 12.55 2.03 0.72
N LEU A 65 12.74 1.13 -0.25
CA LEU A 65 11.78 0.93 -1.33
C LEU A 65 10.48 0.42 -0.73
N GLN A 66 10.60 -0.52 0.21
CA GLN A 66 9.44 -1.09 0.86
C GLN A 66 8.73 -0.06 1.73
N ASN A 67 9.49 0.77 2.45
CA ASN A 67 8.87 1.70 3.38
C ASN A 67 8.14 2.85 2.68
N GLN A 68 8.56 3.17 1.46
CA GLN A 68 7.96 4.27 0.72
C GLN A 68 6.65 3.80 0.06
N ALA A 69 6.65 2.53 -0.35
CA ALA A 69 5.56 1.97 -1.16
C ALA A 69 4.52 1.28 -0.31
N ALA A 70 4.65 1.44 1.01
CA ALA A 70 3.63 0.96 1.93
C ALA A 70 3.23 2.11 2.84
N ALA A 71 3.68 3.30 2.49
CA ALA A 71 3.43 4.50 3.28
C ALA A 71 1.95 4.74 3.63
N GLY A 72 1.04 4.25 2.80
CA GLY A 72 -0.37 4.49 3.01
C GLY A 72 -1.01 3.45 3.92
N VAL A 73 -0.24 2.44 4.29
CA VAL A 73 -0.77 1.31 5.03
C VAL A 73 0.07 1.02 6.28
N SER A 74 1.06 1.88 6.51
CA SER A 74 2.11 1.57 7.49
C SER A 74 3.10 2.73 7.60
N PRO A 75 3.39 3.17 8.83
CA PRO A 75 4.22 4.39 8.88
C PRO A 75 5.57 4.16 8.20
N GLU A 76 6.10 5.23 7.59
CA GLU A 76 7.30 5.13 6.76
C GLU A 76 8.55 5.52 7.57
N MET A 77 9.46 4.55 7.74
CA MET A 77 10.67 4.72 8.55
C MET A 77 11.72 5.56 7.87
N PRO A 78 12.46 6.36 8.64
CA PRO A 78 13.50 7.19 8.02
C PRO A 78 14.68 6.33 7.57
N LEU A 79 15.52 6.87 6.69
CA LEU A 79 16.63 6.09 6.14
C LEU A 79 17.44 5.43 7.26
N HIS A 80 17.81 6.19 8.28
CA HIS A 80 18.70 5.61 9.28
C HIS A 80 18.10 4.40 9.99
N VAL A 81 16.80 4.41 10.24
CA VAL A 81 16.16 3.20 10.78
C VAL A 81 16.13 2.05 9.77
N CYS A 82 15.86 2.34 8.49
CA CYS A 82 15.97 1.33 7.44
C CYS A 82 17.33 0.71 7.47
N GLY A 83 18.34 1.56 7.63
CA GLY A 83 19.70 1.06 7.75
C GLY A 83 19.77 -0.02 8.81
N ALA A 84 19.12 0.27 9.94
CA ALA A 84 19.13 -0.61 11.09
C ALA A 84 18.51 -1.98 10.78
N MET A 85 17.33 -2.01 10.15
CA MET A 85 16.71 -3.30 9.86
C MET A 85 17.60 -4.11 8.92
N SER A 86 18.32 -3.40 8.05
CA SER A 86 19.23 -4.05 7.10
C SER A 86 20.39 -4.70 7.83
N GLN A 87 20.79 -4.16 8.98
CA GLN A 87 21.88 -4.81 9.71
C GLN A 87 21.41 -6.14 10.31
N GLY A 88 20.21 -6.13 10.90
CA GLY A 88 19.62 -7.36 11.37
C GLY A 88 19.53 -8.39 10.25
N PHE A 89 19.05 -7.92 9.09
CA PHE A 89 18.93 -8.80 7.94
C PHE A 89 20.28 -9.38 7.60
N ILE A 90 21.18 -8.48 7.23
CA ILE A 90 22.51 -8.89 6.76
C ILE A 90 23.24 -9.68 7.85
N GLY A 91 23.39 -9.08 9.03
CA GLY A 91 23.92 -9.76 10.20
C GLY A 91 23.38 -11.17 10.39
N TYR A 92 22.07 -11.28 10.50
CA TYR A 92 21.42 -12.59 10.60
C TYR A 92 22.05 -13.59 9.63
N MET A 93 21.93 -13.33 8.32
CA MET A 93 22.52 -14.15 7.28
C MET A 93 23.99 -14.55 7.48
N MET A 94 24.85 -13.55 7.69
CA MET A 94 26.26 -13.84 7.89
C MET A 94 26.47 -14.67 9.16
N SER A 95 25.78 -14.30 10.24
CA SER A 95 25.77 -15.06 11.47
C SER A 95 25.45 -16.51 11.18
N GLN A 96 24.31 -16.71 10.52
CA GLN A 96 23.82 -18.06 10.31
C GLN A 96 24.81 -18.84 9.46
N ALA A 97 25.22 -18.24 8.34
CA ALA A 97 26.08 -18.94 7.40
C ALA A 97 27.42 -19.30 8.03
N MET A 98 28.04 -18.33 8.71
CA MET A 98 29.29 -18.57 9.43
C MET A 98 29.19 -19.71 10.46
N ASP A 99 28.09 -19.76 11.20
CA ASP A 99 27.87 -20.86 12.13
C ASP A 99 27.77 -22.19 11.39
N ASN A 100 27.03 -22.19 10.29
CA ASN A 100 26.88 -23.42 9.50
C ASN A 100 28.18 -23.90 8.90
N VAL A 101 29.06 -22.98 8.51
CA VAL A 101 30.37 -23.42 7.98
C VAL A 101 31.27 -23.91 9.11
N PHE A 102 31.13 -23.31 10.28
CA PHE A 102 31.77 -23.83 11.49
C PHE A 102 31.39 -25.27 11.75
N CYS A 103 30.12 -25.48 12.08
CA CYS A 103 29.61 -26.82 12.37
C CYS A 103 30.00 -27.83 11.27
N ALA A 104 29.87 -27.42 10.00
CA ALA A 104 30.27 -28.26 8.90
C ALA A 104 31.68 -28.83 9.15
N ASN A 105 32.51 -28.04 9.82
CA ASN A 105 33.88 -28.43 10.13
C ASN A 105 34.05 -28.91 11.56
N ASN A 106 32.94 -29.25 12.22
CA ASN A 106 33.03 -29.83 13.54
C ASN A 106 33.70 -28.91 14.58
N GLU A 107 33.64 -27.61 14.32
CA GLU A 107 34.08 -26.63 15.29
C GLU A 107 32.85 -25.95 15.89
N PRO A 108 32.79 -25.86 17.22
CA PRO A 108 31.64 -25.24 17.88
C PRO A 108 31.46 -23.77 17.46
N ALA A 109 30.22 -23.38 17.22
CA ALA A 109 29.92 -22.05 16.70
C ALA A 109 30.33 -20.96 17.70
N ASN A 110 30.95 -19.89 17.22
CA ASN A 110 31.39 -18.85 18.12
C ASN A 110 31.52 -17.48 17.46
N CYS A 111 30.40 -16.97 16.93
CA CYS A 111 30.39 -15.67 16.27
C CYS A 111 29.08 -14.98 16.58
N VAL A 112 29.05 -13.66 16.31
CA VAL A 112 27.90 -12.86 16.64
C VAL A 112 27.80 -11.63 15.75
N THR A 113 26.61 -11.02 15.71
CA THR A 113 26.44 -9.76 15.02
C THR A 113 26.03 -8.62 15.98
N CYS A 114 26.73 -7.52 15.86
CA CYS A 114 26.43 -6.36 16.69
C CYS A 114 25.80 -5.28 15.82
N VAL A 115 24.60 -4.83 16.19
CA VAL A 115 24.10 -3.59 15.64
C VAL A 115 25.19 -2.54 15.85
N THR A 116 25.43 -1.71 14.84
CA THR A 116 26.50 -0.73 15.00
C THR A 116 26.12 0.70 14.62
N GLN A 117 26.52 1.64 15.45
CA GLN A 117 26.28 3.04 15.16
C GLN A 117 27.60 3.75 14.85
N THR A 118 27.63 4.48 13.75
CA THR A 118 28.80 5.28 13.44
C THR A 118 28.49 6.77 13.59
N LEU A 119 29.21 7.43 14.48
CA LEU A 119 29.08 8.87 14.64
C LEU A 119 29.74 9.58 13.46
N VAL A 120 29.08 10.65 13.03
CA VAL A 120 29.68 11.51 12.02
C VAL A 120 29.65 12.94 12.55
N ASP A 121 30.46 13.80 11.93
CA ASP A 121 30.47 15.21 12.27
C ASP A 121 29.28 15.89 11.59
N PRO A 122 28.40 16.53 12.38
CA PRO A 122 27.26 17.25 11.80
C PRO A 122 27.74 18.38 10.88
N LYS A 123 28.85 19.04 11.24
CA LYS A 123 29.43 20.08 10.38
C LYS A 123 30.18 19.50 9.17
N ASP A 124 29.77 18.33 8.70
CA ASP A 124 30.45 17.72 7.56
C ASP A 124 30.05 18.43 6.27
N GLN A 125 31.03 18.67 5.40
CA GLN A 125 30.74 19.32 4.13
C GLN A 125 29.64 18.56 3.39
N ALA A 126 29.70 17.25 3.46
CA ALA A 126 28.85 16.38 2.65
C ALA A 126 27.38 16.46 3.01
N PHE A 127 27.06 17.09 4.13
CA PHE A 127 25.66 17.32 4.43
C PHE A 127 25.13 18.33 3.45
N THR A 128 26.05 19.17 2.94
CA THR A 128 25.66 20.31 2.14
C THR A 128 25.97 20.13 0.63
N ASN A 129 26.47 18.98 0.26
CA ASN A 129 26.56 18.60 -1.15
C ASN A 129 26.41 17.09 -1.34
N PRO A 130 25.15 16.60 -1.25
CA PRO A 130 24.70 15.20 -1.26
C PRO A 130 25.33 14.32 -2.34
N THR A 131 24.91 13.05 -2.37
CA THR A 131 25.21 12.14 -3.47
C THR A 131 24.05 11.21 -3.77
N LYS A 132 24.35 9.92 -3.89
CA LYS A 132 23.52 8.99 -4.65
C LYS A 132 22.22 8.52 -3.97
N PRO A 133 21.21 8.19 -4.79
CA PRO A 133 19.83 7.95 -4.36
C PRO A 133 19.63 6.59 -3.72
N VAL A 165 17.58 11.52 -6.51
CA VAL A 165 17.55 11.79 -5.08
C VAL A 165 18.93 12.25 -4.58
N VAL A 166 19.05 12.40 -3.26
CA VAL A 166 19.98 13.36 -2.67
C VAL A 166 20.28 13.04 -1.20
N VAL A 167 21.54 12.72 -0.87
CA VAL A 167 21.88 12.26 0.48
C VAL A 167 23.40 12.25 0.77
N PRO A 168 23.78 12.80 1.94
CA PRO A 168 25.18 12.99 2.37
C PRO A 168 25.95 11.69 2.57
N SER A 169 27.24 11.75 2.28
CA SER A 169 28.14 10.65 2.58
C SER A 169 29.32 11.17 3.39
N PRO A 170 29.07 11.44 4.68
CA PRO A 170 30.06 12.06 5.57
C PRO A 170 31.10 11.07 6.06
N ARG A 171 32.26 11.59 6.46
CA ARG A 171 33.32 10.77 7.04
C ARG A 171 32.85 10.19 8.36
N PRO A 172 33.24 8.93 8.63
CA PRO A 172 33.06 8.26 9.92
C PRO A 172 34.00 8.83 10.99
N LEU A 173 33.48 9.21 12.17
CA LEU A 173 34.34 9.70 13.24
C LEU A 173 34.62 8.58 14.22
N GLU A 174 33.57 7.89 14.62
CA GLU A 174 33.70 6.92 15.69
C GLU A 174 32.71 5.78 15.56
N ILE A 175 33.19 4.56 15.76
CA ILE A 175 32.30 3.41 15.92
C ILE A 175 31.82 3.33 17.38
N VAL A 176 30.54 3.60 17.60
CA VAL A 176 30.05 3.70 18.98
C VAL A 176 30.27 2.42 19.75
N GLU A 177 30.20 1.27 19.08
CA GLU A 177 30.33 0.00 19.79
C GLU A 177 31.75 -0.54 19.80
N TYR A 178 32.71 0.31 19.42
CA TYR A 178 34.10 -0.13 19.33
C TYR A 178 34.59 -0.96 20.54
N GLY A 179 34.18 -0.54 21.75
CA GLY A 179 34.70 -1.13 22.97
C GLY A 179 34.27 -2.58 23.15
N VAL A 180 32.98 -2.82 22.88
CA VAL A 180 32.43 -4.16 22.95
C VAL A 180 33.05 -5.03 21.86
N ILE A 181 33.35 -4.40 20.73
CA ILE A 181 33.92 -5.11 19.61
C ILE A 181 35.33 -5.61 19.99
N LYS A 182 36.13 -4.72 20.56
CA LYS A 182 37.44 -5.12 21.06
C LYS A 182 37.36 -6.26 22.10
N THR A 183 36.48 -6.09 23.10
CA THR A 183 36.20 -7.14 24.08
C THR A 183 35.92 -8.49 23.42
N LEU A 184 35.11 -8.47 22.37
CA LEU A 184 34.72 -9.71 21.68
C LEU A 184 35.89 -10.35 20.95
N ILE A 185 36.72 -9.57 20.26
CA ILE A 185 37.91 -10.19 19.65
C ILE A 185 38.99 -10.56 20.68
N ASP A 186 39.04 -9.86 21.80
CA ASP A 186 39.97 -10.24 22.86
C ASP A 186 39.55 -11.58 23.41
N ASN A 187 38.33 -11.99 23.09
CA ASN A 187 37.82 -13.27 23.55
C ASN A 187 37.68 -14.22 22.38
N ASN A 188 38.27 -13.84 21.27
CA ASN A 188 38.37 -14.73 20.12
C ASN A 188 36.99 -15.07 19.59
N VAL A 189 36.05 -14.14 19.74
CA VAL A 189 34.76 -14.25 19.06
C VAL A 189 34.87 -13.71 17.64
N LEU A 190 34.25 -14.39 16.68
CA LEU A 190 34.25 -13.92 15.32
C LEU A 190 33.16 -12.85 15.17
N VAL A 191 33.57 -11.58 15.18
CA VAL A 191 32.62 -10.47 15.24
C VAL A 191 32.14 -10.00 13.88
N ILE A 192 30.82 -9.87 13.72
CA ILE A 192 30.25 -9.29 12.52
C ILE A 192 29.60 -7.95 12.86
N CYS A 193 30.08 -6.88 12.23
CA CYS A 193 29.54 -5.55 12.55
C CYS A 193 29.76 -4.52 11.45
N THR A 194 29.23 -3.33 11.70
CA THR A 194 29.36 -2.23 10.76
C THR A 194 28.83 -2.58 9.34
N ASN A 195 27.84 -3.46 9.27
CA ASN A 195 27.28 -3.80 7.97
C ASN A 195 26.57 -2.62 7.30
N GLY A 196 27.16 -2.09 6.24
CA GLY A 196 26.60 -0.91 5.62
C GLY A 196 27.34 0.34 6.07
N GLY A 197 28.39 0.18 6.85
CA GLY A 197 29.17 1.29 7.32
C GLY A 197 28.71 1.83 8.66
N GLY A 198 27.69 1.20 9.22
CA GLY A 198 27.14 1.65 10.47
C GLY A 198 25.92 2.54 10.33
N ILE A 199 25.04 2.51 11.33
CA ILE A 199 23.92 3.43 11.37
C ILE A 199 24.42 4.85 11.68
N PRO A 200 24.24 5.77 10.72
CA PRO A 200 24.77 7.14 10.81
C PRO A 200 24.16 7.87 11.98
N CYS A 201 25.00 8.48 12.81
CA CYS A 201 24.52 9.19 13.99
C CYS A 201 25.28 10.48 14.19
N LYS A 202 24.74 11.32 15.06
CA LYS A 202 25.50 12.45 15.58
C LYS A 202 25.32 12.50 17.09
N ARG A 203 26.28 13.10 17.78
CA ARG A 203 26.14 13.35 19.22
C ARG A 203 26.21 14.86 19.45
N GLU A 204 25.10 15.43 19.93
CA GLU A 204 25.05 16.85 20.26
C GLU A 204 24.61 17.03 21.70
N ASN A 205 25.37 17.86 22.42
CA ASN A 205 25.32 17.92 23.88
C ASN A 205 24.86 16.62 24.56
N LYS A 206 25.61 15.54 24.33
CA LYS A 206 25.40 14.26 25.03
C LYS A 206 24.23 13.42 24.54
N VAL A 207 23.64 13.76 23.39
CA VAL A 207 22.60 12.92 22.80
C VAL A 207 22.99 12.41 21.41
N ILE A 208 23.09 11.09 21.27
CA ILE A 208 23.20 10.48 19.95
C ILE A 208 21.79 10.35 19.39
N SER A 209 21.63 10.65 18.11
CA SER A 209 20.35 10.48 17.46
C SER A 209 20.70 10.15 16.02
N GLY A 210 19.93 9.28 15.39
CA GLY A 210 20.21 8.91 14.00
C GLY A 210 20.16 10.08 13.02
N VAL A 211 20.96 10.04 11.96
CA VAL A 211 20.81 11.01 10.86
C VAL A 211 20.40 10.33 9.55
N ASP A 212 19.79 11.07 8.61
CA ASP A 212 19.43 10.47 7.32
C ASP A 212 20.57 10.62 6.30
N ALA A 213 21.32 9.54 6.11
CA ALA A 213 22.55 9.56 5.32
C ALA A 213 23.19 8.18 5.18
N VAL A 214 24.28 8.11 4.44
CA VAL A 214 25.02 6.87 4.27
C VAL A 214 26.52 7.07 4.45
N ILE A 215 27.19 6.00 4.87
CA ILE A 215 28.62 6.08 5.13
C ILE A 215 29.31 5.02 4.32
N ASP A 216 30.38 5.40 3.63
CA ASP A 216 31.15 4.39 2.91
C ASP A 216 31.65 3.30 3.86
N LYS A 217 31.19 2.08 3.62
CA LYS A 217 31.50 0.94 4.45
C LYS A 217 33.03 0.73 4.57
N ASP A 218 33.77 1.06 3.51
CA ASP A 218 35.23 0.89 3.51
C ASP A 218 35.96 1.91 4.39
N LEU A 219 35.57 3.19 4.30
CA LEU A 219 36.11 4.20 5.21
C LEU A 219 35.80 3.81 6.67
N ALA A 220 34.58 3.31 6.89
CA ALA A 220 34.15 2.88 8.21
C ALA A 220 35.01 1.74 8.73
N THR A 221 35.46 0.89 7.80
CA THR A 221 36.22 -0.29 8.20
C THR A 221 37.68 0.01 8.43
N SER A 222 38.22 0.96 7.66
CA SER A 222 39.52 1.56 7.98
C SER A 222 39.46 2.11 9.41
N LEU A 223 38.39 2.85 9.70
CA LEU A 223 38.23 3.47 11.01
C LEU A 223 38.26 2.48 12.17
N LEU A 224 37.46 1.42 12.06
CA LEU A 224 37.47 0.36 13.05
C LEU A 224 38.85 -0.28 13.20
N ALA A 225 39.40 -0.70 12.06
CA ALA A 225 40.63 -1.48 12.04
C ALA A 225 41.84 -0.72 12.62
N LYS A 226 41.94 0.58 12.36
CA LYS A 226 43.07 1.28 12.97
C LYS A 226 42.86 1.52 14.47
N THR A 227 41.61 1.80 14.86
CA THR A 227 41.28 1.87 16.27
C THR A 227 41.57 0.54 16.95
N LEU A 228 41.09 -0.56 16.35
CA LEU A 228 41.40 -1.90 16.86
C LEU A 228 42.91 -2.16 16.85
N ASN A 229 43.64 -1.27 16.20
CA ASN A 229 45.06 -1.48 15.99
C ASN A 229 45.29 -2.90 15.42
N SER A 230 44.60 -3.17 14.32
CA SER A 230 44.58 -4.50 13.72
C SER A 230 45.85 -4.81 12.92
N ASP A 231 46.10 -6.10 12.66
CA ASP A 231 47.32 -6.52 11.97
C ASP A 231 47.16 -6.52 10.45
N TYR A 232 45.92 -6.34 9.99
CA TYR A 232 45.61 -6.29 8.57
C TYR A 232 44.26 -5.68 8.36
N LEU A 233 44.12 -5.03 7.21
CA LEU A 233 42.84 -4.58 6.72
C LEU A 233 42.65 -5.25 5.37
N MET A 234 41.61 -6.08 5.23
CA MET A 234 41.28 -6.60 3.89
C MET A 234 39.97 -6.02 3.38
N ILE A 235 40.01 -5.53 2.14
CA ILE A 235 38.81 -5.08 1.46
C ILE A 235 38.52 -6.13 0.40
N LEU A 236 37.39 -6.82 0.49
CA LEU A 236 37.10 -7.87 -0.49
C LEU A 236 36.07 -7.39 -1.49
N THR A 237 36.40 -7.53 -2.76
CA THR A 237 35.54 -7.02 -3.81
C THR A 237 35.41 -8.06 -4.92
N ASP A 238 34.94 -7.66 -6.11
CA ASP A 238 34.81 -8.61 -7.23
C ASP A 238 36.06 -8.69 -8.15
N VAL A 239 36.92 -7.68 -8.13
CA VAL A 239 38.16 -7.74 -8.88
C VAL A 239 39.32 -8.24 -8.01
N LEU A 240 40.27 -8.93 -8.62
CA LEU A 240 41.36 -9.55 -7.88
C LEU A 240 42.60 -8.65 -7.64
N ASN A 241 42.56 -7.42 -8.15
CA ASN A 241 43.66 -6.47 -8.04
C ASN A 241 43.17 -5.03 -8.34
N ALA A 242 43.57 -4.04 -7.53
CA ALA A 242 43.42 -2.64 -7.99
C ALA A 242 44.24 -2.46 -9.26
N CYS A 243 43.79 -1.64 -10.20
CA CYS A 243 44.64 -1.36 -11.36
C CYS A 243 44.83 0.12 -11.63
N ILE A 244 45.90 0.44 -12.35
CA ILE A 244 46.07 1.78 -12.89
C ILE A 244 45.92 1.69 -14.41
N ASN A 245 45.38 2.74 -15.02
CA ASN A 245 44.97 2.71 -16.42
C ASN A 245 43.90 1.64 -16.59
N TYR A 246 43.03 1.52 -15.60
CA TYR A 246 42.04 0.46 -15.55
C TYR A 246 41.13 0.49 -16.78
N LYS A 247 40.85 -0.68 -17.35
CA LYS A 247 40.10 -0.76 -18.61
C LYS A 247 40.64 0.24 -19.63
N LYS A 248 41.75 -0.13 -20.25
CA LYS A 248 42.54 0.79 -21.06
C LYS A 248 43.71 -0.03 -21.60
N PRO A 249 44.47 0.55 -22.54
CA PRO A 249 45.63 -0.13 -23.13
C PRO A 249 46.73 -0.43 -22.11
N ASP A 250 47.47 0.60 -21.69
CA ASP A 250 48.67 0.41 -20.86
C ASP A 250 48.34 -0.05 -19.44
N GLU A 251 47.16 -0.66 -19.28
CA GLU A 251 46.71 -1.23 -18.02
C GLU A 251 47.82 -1.97 -17.26
N ARG A 252 47.82 -1.79 -15.94
CA ARG A 252 48.74 -2.47 -15.04
C ARG A 252 48.01 -2.85 -13.75
N LYS A 253 48.07 -4.11 -13.38
CA LYS A 253 47.44 -4.60 -12.15
C LYS A 253 48.42 -4.42 -10.98
N LEU A 254 47.97 -3.80 -9.89
CA LEU A 254 48.85 -3.57 -8.74
C LEU A 254 48.98 -4.83 -7.92
N GLU A 255 50.21 -5.13 -7.50
CA GLU A 255 50.44 -6.32 -6.68
C GLU A 255 50.85 -5.90 -5.27
N GLU A 256 52.01 -6.35 -4.80
CA GLU A 256 52.60 -5.81 -3.58
C GLU A 256 53.21 -4.47 -3.98
N ILE A 257 52.90 -3.42 -3.24
CA ILE A 257 53.23 -2.05 -3.64
C ILE A 257 53.41 -1.11 -2.44
N LYS A 258 54.40 -0.24 -2.53
CA LYS A 258 54.75 0.60 -1.38
C LYS A 258 53.77 1.75 -1.21
N LEU A 259 53.65 2.20 0.02
CA LEU A 259 52.75 3.28 0.38
C LEU A 259 52.91 4.52 -0.52
N SER A 260 54.16 4.86 -0.84
CA SER A 260 54.40 6.07 -1.60
C SER A 260 53.98 5.96 -3.07
N GLU A 261 54.19 4.78 -3.67
CA GLU A 261 53.76 4.60 -5.05
C GLU A 261 52.24 4.73 -5.18
N ILE A 262 51.49 4.11 -4.26
CA ILE A 262 50.03 4.20 -4.33
C ILE A 262 49.48 5.59 -3.98
N LEU A 263 50.10 6.27 -3.01
CA LEU A 263 49.78 7.68 -2.74
C LEU A 263 49.92 8.52 -4.00
N ALA A 264 50.97 8.24 -4.78
CA ALA A 264 51.20 8.97 -6.03
C ALA A 264 50.20 8.59 -7.13
N LEU A 265 49.97 7.29 -7.28
CA LEU A 265 49.00 6.81 -8.27
C LEU A 265 47.58 7.31 -7.99
N GLU A 266 47.30 7.64 -6.73
CA GLU A 266 45.96 8.07 -6.37
C GLU A 266 45.71 9.49 -6.85
N LYS A 267 46.64 10.41 -6.59
CA LYS A 267 46.50 11.79 -7.09
C LYS A 267 46.50 11.81 -8.61
N ASP A 268 47.09 10.77 -9.21
CA ASP A 268 47.05 10.58 -10.66
C ASP A 268 45.66 10.24 -11.17
N GLY A 269 44.73 10.00 -10.24
CA GLY A 269 43.32 9.85 -10.59
C GLY A 269 42.90 8.46 -11.04
N HIS A 270 43.79 7.49 -10.95
CA HIS A 270 43.51 6.15 -11.45
C HIS A 270 42.30 5.45 -10.84
N PHE A 271 41.90 5.86 -9.63
CA PHE A 271 40.85 5.14 -8.93
C PHE A 271 39.49 5.89 -8.95
N ALA A 272 38.45 5.18 -9.41
CA ALA A 272 37.10 5.76 -9.57
C ALA A 272 36.39 6.15 -8.26
N ALA A 273 35.91 7.40 -8.20
CA ALA A 273 35.30 7.97 -6.98
C ALA A 273 34.08 7.23 -6.42
N GLY A 274 33.59 6.22 -7.14
CA GLY A 274 32.38 5.55 -6.75
C GLY A 274 32.64 4.08 -6.48
N SER A 275 33.80 3.60 -6.90
CA SER A 275 34.14 2.20 -6.74
C SER A 275 35.47 2.09 -5.98
N MET A 276 36.56 2.18 -6.73
CA MET A 276 37.89 1.81 -6.25
C MET A 276 38.45 2.91 -5.38
N GLY A 277 38.02 4.14 -5.63
CA GLY A 277 38.53 5.31 -4.92
C GLY A 277 38.54 5.14 -3.42
N PRO A 278 37.34 4.99 -2.80
CA PRO A 278 37.28 4.86 -1.33
C PRO A 278 38.19 3.73 -0.86
N LYS A 279 38.16 2.58 -1.53
CA LYS A 279 38.94 1.42 -1.10
C LYS A 279 40.41 1.75 -0.91
N VAL A 280 41.04 2.22 -1.99
CA VAL A 280 42.43 2.67 -1.92
C VAL A 280 42.62 3.69 -0.81
N ARG A 281 41.70 4.65 -0.72
CA ARG A 281 41.73 5.65 0.34
C ARG A 281 41.68 4.96 1.71
N ALA A 282 40.90 3.89 1.78
CA ALA A 282 40.69 3.11 2.98
C ALA A 282 41.98 2.40 3.39
N ALA A 283 42.57 1.72 2.42
CA ALA A 283 43.82 0.98 2.58
C ALA A 283 44.96 1.91 2.92
N ILE A 284 45.02 3.04 2.22
CA ILE A 284 46.09 4.00 2.43
C ILE A 284 46.04 4.57 3.84
N GLU A 285 44.85 4.93 4.29
CA GLU A 285 44.70 5.50 5.63
C GLU A 285 45.22 4.54 6.71
N PHE A 286 44.80 3.28 6.61
CA PHE A 286 45.07 2.31 7.65
C PHE A 286 46.55 1.98 7.70
N THR A 287 47.13 1.77 6.53
CA THR A 287 48.58 1.53 6.40
C THR A 287 49.42 2.73 6.86
N GLN A 288 49.08 3.94 6.42
CA GLN A 288 49.70 5.15 6.98
C GLN A 288 49.63 5.16 8.51
N ALA A 289 48.49 4.85 9.10
CA ALA A 289 48.35 5.00 10.56
C ALA A 289 49.03 3.91 11.41
N THR A 290 49.02 2.66 10.95
CA THR A 290 49.49 1.55 11.77
C THR A 290 50.81 0.94 11.29
N GLY A 291 51.18 1.26 10.05
CA GLY A 291 52.29 0.59 9.39
C GLY A 291 51.93 -0.81 8.90
N LYS A 292 50.68 -1.25 9.14
CA LYS A 292 50.32 -2.61 8.77
C LYS A 292 49.75 -2.75 7.35
N MET A 293 49.92 -3.95 6.78
CA MET A 293 49.51 -4.20 5.42
C MET A 293 47.99 -4.07 5.31
N SER A 294 47.54 -3.54 4.17
CA SER A 294 46.13 -3.46 3.82
C SER A 294 46.02 -4.15 2.48
N ILE A 295 44.86 -4.67 2.14
CA ILE A 295 44.77 -5.58 1.00
C ILE A 295 43.47 -5.38 0.24
N ILE A 296 43.56 -5.31 -1.10
CA ILE A 296 42.38 -5.24 -1.95
C ILE A 296 42.39 -6.44 -2.91
N THR A 297 41.31 -7.20 -2.94
CA THR A 297 41.31 -8.45 -3.72
C THR A 297 39.93 -9.01 -3.95
N SER A 298 39.85 -10.02 -4.83
CA SER A 298 38.64 -10.79 -4.99
C SER A 298 38.32 -11.50 -3.68
N LEU A 299 37.06 -11.47 -3.31
CA LEU A 299 36.53 -12.33 -2.26
C LEU A 299 36.90 -13.82 -2.48
N SER A 300 37.09 -14.23 -3.72
CA SER A 300 37.32 -15.64 -4.03
C SER A 300 38.74 -16.11 -3.71
N THR A 301 39.70 -15.20 -3.76
CA THR A 301 41.04 -15.52 -3.28
C THR A 301 41.44 -14.61 -2.12
N ALA A 302 40.75 -14.69 -0.99
CA ALA A 302 41.18 -13.90 0.15
C ALA A 302 42.42 -14.52 0.81
N VAL A 303 42.33 -15.80 1.15
CA VAL A 303 43.42 -16.44 1.87
C VAL A 303 44.76 -16.34 1.10
N ASP A 304 44.73 -16.58 -0.21
CA ASP A 304 45.95 -16.43 -0.98
C ASP A 304 46.63 -15.06 -0.81
N ALA A 305 45.86 -13.97 -0.72
CA ALA A 305 46.46 -12.63 -0.68
C ALA A 305 47.10 -12.41 0.65
N LEU A 306 46.55 -13.07 1.65
CA LEU A 306 47.10 -12.97 3.00
C LEU A 306 48.44 -13.71 3.01
N ASN A 307 48.47 -14.91 2.40
CA ASN A 307 49.69 -15.69 2.25
C ASN A 307 50.74 -15.10 1.28
N GLY A 308 50.49 -13.90 0.77
CA GLY A 308 51.40 -13.28 -0.18
C GLY A 308 51.31 -13.70 -1.66
N LYS A 309 50.34 -14.51 -2.03
CA LYS A 309 50.37 -15.12 -3.35
C LYS A 309 49.67 -14.34 -4.49
N CYS A 310 49.18 -13.11 -4.22
CA CYS A 310 48.38 -12.36 -5.20
C CYS A 310 47.58 -11.23 -4.52
N GLY A 311 46.82 -10.47 -5.31
CA GLY A 311 46.08 -9.33 -4.79
C GLY A 311 46.93 -8.09 -4.64
N THR A 312 46.30 -6.92 -4.59
CA THR A 312 46.99 -5.65 -4.35
C THR A 312 47.33 -5.50 -2.86
N ARG A 313 48.61 -5.54 -2.51
CA ARG A 313 49.00 -5.39 -1.10
C ARG A 313 49.81 -4.11 -0.84
N ILE A 314 49.23 -3.16 -0.12
CA ILE A 314 49.91 -1.90 0.15
C ILE A 314 50.74 -2.00 1.43
N ILE A 315 52.06 -1.86 1.28
CA ILE A 315 52.93 -1.99 2.44
C ILE A 315 53.62 -0.69 2.83
N LYS A 316 54.59 -0.84 3.72
CA LYS A 316 54.97 0.25 4.59
C LYS A 316 56.05 1.16 4.05
N ASP A 317 55.70 2.44 4.01
CA ASP A 317 56.68 3.49 4.28
C ASP A 317 56.54 3.72 5.79
N MET B 2 32.30 -3.14 38.38
CA MET B 2 31.01 -3.83 38.36
C MET B 2 31.07 -5.34 38.03
N SER B 3 32.25 -5.93 38.18
CA SER B 3 32.41 -7.36 38.01
C SER B 3 31.81 -8.10 39.20
N ALA B 4 31.30 -7.36 40.18
CA ALA B 4 30.84 -7.93 41.45
C ALA B 4 29.33 -8.20 41.50
N GLY B 5 28.59 -7.49 40.64
CA GLY B 5 27.14 -7.56 40.65
C GLY B 5 26.52 -8.88 40.23
N LYS B 6 25.34 -9.15 40.78
CA LYS B 6 24.51 -10.30 40.40
C LYS B 6 23.84 -10.02 39.06
N THR B 7 23.38 -11.09 38.41
CA THR B 7 22.89 -10.94 37.04
C THR B 7 21.37 -11.03 37.01
N VAL B 8 20.75 -10.09 36.32
CA VAL B 8 19.30 -10.14 36.16
C VAL B 8 18.94 -10.08 34.69
N VAL B 9 18.24 -11.12 34.23
CA VAL B 9 17.73 -11.17 32.87
C VAL B 9 16.36 -10.51 32.81
N ILE B 10 16.27 -9.40 32.09
CA ILE B 10 15.05 -8.60 32.07
C ILE B 10 14.31 -8.64 30.74
N ALA B 11 13.07 -9.12 30.76
CA ALA B 11 12.25 -9.23 29.55
C ALA B 11 11.22 -8.09 29.35
N LEU B 12 11.57 -7.07 28.56
CA LEU B 12 10.65 -5.96 28.35
C LEU B 12 9.42 -6.41 27.53
N GLY B 13 8.31 -5.68 27.69
CA GLY B 13 7.06 -6.01 27.02
C GLY B 13 6.65 -4.95 26.03
N GLY B 14 5.45 -5.09 25.47
CA GLY B 14 5.02 -4.20 24.41
C GLY B 14 5.18 -2.70 24.73
N ASN B 15 4.94 -2.33 25.98
CA ASN B 15 4.92 -0.92 26.37
C ASN B 15 6.30 -0.27 26.48
N ALA B 16 7.35 -1.03 26.17
CA ALA B 16 8.67 -0.44 26.10
C ALA B 16 8.72 0.43 24.86
N MET B 17 7.81 0.13 23.94
CA MET B 17 7.78 0.79 22.63
C MET B 17 6.43 1.42 22.27
N LEU B 18 5.35 0.89 22.85
CA LEU B 18 4.00 1.36 22.51
C LEU B 18 3.04 1.41 23.72
N GLN B 19 2.32 2.53 23.85
CA GLN B 19 1.25 2.65 24.84
C GLN B 19 -0.08 2.36 24.15
N ALA B 20 -1.13 2.11 24.93
CA ALA B 20 -2.46 1.83 24.36
C ALA B 20 -2.80 2.73 23.16
N LYS B 21 -3.13 2.09 22.04
CA LYS B 21 -3.46 2.77 20.78
C LYS B 21 -2.52 3.91 20.34
N GLU B 22 -1.22 3.63 20.30
CA GLU B 22 -0.25 4.60 19.80
C GLU B 22 0.19 4.17 18.40
N LYS B 23 0.67 5.12 17.61
CA LYS B 23 0.98 4.77 16.21
C LYS B 23 2.42 4.31 15.95
N GLY B 24 2.52 3.10 15.41
CA GLY B 24 3.79 2.52 15.02
C GLY B 24 4.82 3.35 14.26
N ASP B 25 4.89 4.65 14.53
CA ASP B 25 6.01 5.43 13.95
C ASP B 25 7.30 5.48 14.82
N TYR B 26 8.41 5.85 14.17
CA TYR B 26 9.73 5.87 14.82
C TYR B 26 9.80 6.75 16.07
N ASP B 27 9.28 7.98 16.02
CA ASP B 27 9.44 8.88 17.18
C ASP B 27 8.57 8.49 18.37
N THR B 28 7.42 7.89 18.09
CA THR B 28 6.53 7.44 19.14
C THR B 28 7.14 6.22 19.85
N GLN B 29 7.84 5.36 19.11
CA GLN B 29 8.48 4.21 19.74
C GLN B 29 9.83 4.60 20.37
N ARG B 30 10.52 5.53 19.75
CA ARG B 30 11.78 6.00 20.30
C ARG B 30 11.61 6.50 21.75
N LYS B 31 10.66 7.41 21.96
CA LYS B 31 10.48 8.05 23.26
C LYS B 31 9.92 7.08 24.31
N ASN B 32 9.21 6.07 23.87
CA ASN B 32 8.82 5.02 24.78
C ASN B 32 10.05 4.29 25.26
N VAL B 33 10.95 3.99 24.33
CA VAL B 33 12.14 3.28 24.68
C VAL B 33 13.01 4.12 25.62
N GLU B 34 13.16 5.42 25.32
CA GLU B 34 13.82 6.35 26.25
C GLU B 34 13.32 6.11 27.67
N ILE B 35 12.01 6.17 27.88
CA ILE B 35 11.41 5.93 29.19
C ILE B 35 11.81 4.57 29.80
N ALA B 36 11.75 3.48 29.03
CA ALA B 36 12.23 2.22 29.57
C ALA B 36 13.73 2.29 29.95
N ALA B 37 14.55 2.87 29.08
CA ALA B 37 15.97 3.02 29.34
C ALA B 37 16.29 3.64 30.71
N SER B 38 15.52 4.65 31.15
CA SER B 38 15.70 5.20 32.50
C SER B 38 15.50 4.17 33.59
N GLU B 39 14.40 3.44 33.51
CA GLU B 39 14.16 2.36 34.47
C GLU B 39 15.33 1.38 34.48
N ILE B 40 15.74 0.95 33.30
CA ILE B 40 16.84 -0.01 33.25
C ILE B 40 18.11 0.58 33.84
N TYR B 41 18.43 1.83 33.49
CA TYR B 41 19.66 2.43 34.00
C TYR B 41 19.75 2.31 35.52
N LYS B 42 18.64 2.59 36.20
CA LYS B 42 18.62 2.52 37.65
C LYS B 42 19.12 1.17 38.11
N ILE B 43 18.56 0.10 37.56
CA ILE B 43 19.04 -1.24 37.90
C ILE B 43 20.56 -1.37 37.72
N HIS B 44 21.05 -1.05 36.53
CA HIS B 44 22.48 -1.05 36.27
C HIS B 44 23.26 -0.18 37.26
N LYS B 45 22.72 1.00 37.55
CA LYS B 45 23.32 1.91 38.51
C LYS B 45 23.33 1.26 39.91
N ALA B 46 22.31 0.45 40.19
CA ALA B 46 22.24 -0.22 41.48
C ALA B 46 23.35 -1.24 41.66
N GLY B 47 23.96 -1.65 40.53
CA GLY B 47 25.13 -2.51 40.57
C GLY B 47 24.95 -3.88 39.95
N TYR B 48 23.75 -4.17 39.44
CA TYR B 48 23.47 -5.46 38.80
C TYR B 48 24.02 -5.51 37.39
N LYS B 49 24.43 -6.70 36.97
CA LYS B 49 24.66 -6.98 35.55
C LYS B 49 23.32 -7.20 34.84
N VAL B 50 23.14 -6.59 33.68
CA VAL B 50 21.88 -6.77 32.95
C VAL B 50 21.96 -7.35 31.53
N VAL B 51 21.11 -8.34 31.30
CA VAL B 51 20.75 -8.77 29.96
C VAL B 51 19.37 -8.20 29.61
N LEU B 52 19.24 -7.50 28.48
CA LEU B 52 17.95 -6.92 28.07
C LEU B 52 17.28 -7.69 26.96
N THR B 53 16.00 -7.98 27.16
CA THR B 53 15.19 -8.69 26.16
C THR B 53 14.00 -7.81 25.80
N SER B 54 13.24 -8.16 24.76
CA SER B 54 11.95 -7.50 24.47
C SER B 54 11.05 -8.38 23.59
N GLY B 55 9.86 -7.90 23.30
CA GLY B 55 8.99 -8.55 22.34
C GLY B 55 9.10 -7.83 21.00
N ASN B 56 8.36 -8.27 20.00
CA ASN B 56 8.46 -7.58 18.71
C ASN B 56 7.16 -7.52 17.91
N GLY B 57 6.12 -8.19 18.42
CA GLY B 57 4.84 -8.31 17.71
C GLY B 57 4.40 -7.15 16.84
N PRO B 58 4.22 -5.98 17.46
CA PRO B 58 3.75 -4.86 16.65
C PRO B 58 4.73 -4.50 15.55
N GLN B 59 6.03 -4.69 15.82
CA GLN B 59 7.10 -4.22 14.92
C GLN B 59 7.37 -5.18 13.76
N VAL B 60 7.48 -6.47 14.09
CA VAL B 60 7.62 -7.51 13.09
C VAL B 60 6.34 -7.47 12.23
N GLY B 61 5.20 -7.29 12.90
CA GLY B 61 3.91 -7.15 12.24
C GLY B 61 3.90 -6.01 11.22
N ALA B 62 4.36 -4.84 11.64
CA ALA B 62 4.48 -3.73 10.71
C ALA B 62 5.45 -4.06 9.56
N ILE B 63 6.54 -4.74 9.88
CA ILE B 63 7.48 -5.18 8.86
C ILE B 63 6.84 -6.22 7.94
N LYS B 64 6.28 -7.30 8.50
CA LYS B 64 5.58 -8.30 7.69
C LYS B 64 4.48 -7.68 6.79
N LEU B 65 4.01 -6.50 7.21
CA LEU B 65 2.93 -5.77 6.56
C LEU B 65 3.46 -5.05 5.32
N GLN B 66 4.66 -4.52 5.43
CA GLN B 66 5.21 -3.71 4.36
C GLN B 66 5.67 -4.64 3.24
N ASN B 67 6.18 -5.80 3.64
CA ASN B 67 6.72 -6.77 2.70
C ASN B 67 5.67 -7.34 1.75
N GLN B 68 4.40 -7.15 2.10
CA GLN B 68 3.29 -7.64 1.30
C GLN B 68 2.68 -6.49 0.52
N ALA B 69 2.64 -5.33 1.17
CA ALA B 69 2.18 -4.09 0.55
C ALA B 69 3.08 -3.63 -0.59
N ALA B 70 4.29 -4.21 -0.69
CA ALA B 70 5.25 -3.81 -1.72
C ALA B 70 5.78 -5.00 -2.51
N ALA B 71 5.25 -6.19 -2.21
CA ALA B 71 5.55 -7.41 -2.96
C ALA B 71 5.47 -7.27 -4.49
N GLY B 72 5.23 -6.07 -4.98
CA GLY B 72 5.18 -5.82 -6.40
C GLY B 72 6.19 -4.79 -6.86
N VAL B 73 6.90 -4.20 -5.91
CA VAL B 73 8.01 -3.32 -6.25
C VAL B 73 9.33 -4.01 -5.85
N SER B 74 9.46 -4.33 -4.57
CA SER B 74 10.62 -5.04 -4.09
C SER B 74 10.23 -6.45 -3.72
N PRO B 75 11.18 -7.39 -3.74
CA PRO B 75 10.88 -8.79 -3.43
C PRO B 75 10.45 -8.96 -1.98
N GLU B 76 9.54 -9.89 -1.73
CA GLU B 76 8.94 -10.03 -0.39
C GLU B 76 9.73 -11.02 0.45
N MET B 77 10.15 -10.57 1.63
CA MET B 77 10.94 -11.39 2.55
C MET B 77 10.05 -12.22 3.45
N PRO B 78 10.57 -13.36 3.92
CA PRO B 78 9.78 -14.28 4.76
C PRO B 78 9.64 -13.81 6.21
N LEU B 79 9.01 -14.64 7.04
CA LEU B 79 8.71 -14.22 8.40
C LEU B 79 9.98 -14.05 9.24
N HIS B 80 10.86 -15.04 9.20
CA HIS B 80 12.04 -15.02 10.05
C HIS B 80 12.99 -13.87 9.64
N VAL B 81 13.07 -13.57 8.35
CA VAL B 81 13.87 -12.42 7.94
C VAL B 81 13.22 -11.09 8.40
N CYS B 82 11.90 -11.00 8.35
CA CYS B 82 11.22 -9.87 8.98
C CYS B 82 11.63 -9.75 10.45
N GLY B 83 11.64 -10.89 11.15
CA GLY B 83 12.13 -10.96 12.52
C GLY B 83 13.51 -10.38 12.70
N ALA B 84 14.45 -10.80 11.83
CA ALA B 84 15.81 -10.29 11.84
C ALA B 84 15.86 -8.78 11.56
N MET B 85 14.87 -8.28 10.82
CA MET B 85 14.79 -6.85 10.58
C MET B 85 14.22 -6.08 11.80
N SER B 86 13.28 -6.71 12.50
CA SER B 86 12.70 -6.08 13.66
C SER B 86 13.77 -5.99 14.75
N GLN B 87 14.62 -7.01 14.79
CA GLN B 87 15.71 -7.07 15.75
C GLN B 87 16.73 -5.94 15.54
N GLY B 88 17.15 -5.71 14.31
CA GLY B 88 18.10 -4.65 14.04
C GLY B 88 17.51 -3.32 14.52
N PHE B 89 16.31 -3.06 14.05
CA PHE B 89 15.58 -1.82 14.32
C PHE B 89 15.37 -1.57 15.82
N ILE B 90 14.77 -2.56 16.48
CA ILE B 90 14.45 -2.44 17.91
C ILE B 90 15.72 -2.31 18.74
N GLY B 91 16.67 -3.19 18.44
CA GLY B 91 17.95 -3.20 19.13
C GLY B 91 18.63 -1.87 18.88
N TYR B 92 18.41 -1.32 17.71
CA TYR B 92 18.97 -0.02 17.44
C TYR B 92 18.45 0.97 18.48
N MET B 93 17.12 1.03 18.62
CA MET B 93 16.47 1.97 19.54
C MET B 93 16.91 1.85 20.99
N MET B 94 16.95 0.63 21.49
CA MET B 94 17.36 0.36 22.85
C MET B 94 18.83 0.70 23.06
N SER B 95 19.65 0.29 22.09
CA SER B 95 21.08 0.59 22.06
C SER B 95 21.35 2.07 22.25
N GLN B 96 20.75 2.86 21.37
CA GLN B 96 20.94 4.30 21.35
C GLN B 96 20.37 4.94 22.62
N ALA B 97 19.18 4.51 23.02
CA ALA B 97 18.59 5.06 24.24
C ALA B 97 19.50 4.71 25.42
N MET B 98 19.79 3.42 25.59
CA MET B 98 20.70 3.02 26.63
C MET B 98 21.96 3.90 26.62
N ASP B 99 22.65 3.99 25.49
CA ASP B 99 23.86 4.81 25.42
C ASP B 99 23.63 6.25 25.86
N ASN B 100 22.48 6.81 25.49
CA ASN B 100 22.16 8.19 25.84
C ASN B 100 21.98 8.41 27.33
N VAL B 101 21.45 7.40 28.02
CA VAL B 101 21.21 7.53 29.45
C VAL B 101 22.51 7.33 30.25
N PHE B 102 23.44 6.55 29.70
CA PHE B 102 24.76 6.41 30.28
C PHE B 102 25.50 7.72 30.21
N CYS B 103 25.35 8.40 29.08
CA CYS B 103 26.07 9.64 28.84
C CYS B 103 25.50 10.70 29.79
N ALA B 104 24.18 10.71 29.88
CA ALA B 104 23.47 11.65 30.75
C ALA B 104 23.86 11.50 32.22
N ASN B 105 24.40 10.34 32.58
CA ASN B 105 24.93 10.10 33.92
C ASN B 105 26.45 10.14 33.93
N ASN B 106 27.02 10.77 32.90
CA ASN B 106 28.47 10.91 32.74
C ASN B 106 29.23 9.59 32.88
N GLU B 107 28.58 8.50 32.48
CA GLU B 107 29.19 7.17 32.52
C GLU B 107 29.51 6.73 31.09
N PRO B 108 30.69 6.14 30.87
CA PRO B 108 31.13 5.73 29.53
C PRO B 108 30.27 4.60 28.98
N ALA B 109 29.82 4.74 27.72
CA ALA B 109 28.91 3.77 27.12
C ALA B 109 29.55 2.39 27.09
N ASN B 110 28.75 1.39 27.46
CA ASN B 110 29.21 0.01 27.38
C ASN B 110 28.05 -0.94 27.17
N CYS B 111 27.40 -0.82 26.03
CA CYS B 111 26.21 -1.61 25.77
C CYS B 111 26.19 -2.13 24.32
N VAL B 112 25.52 -3.26 24.10
CA VAL B 112 25.46 -3.81 22.75
C VAL B 112 24.17 -4.57 22.44
N THR B 113 23.74 -4.51 21.17
CA THR B 113 22.66 -5.37 20.70
C THR B 113 23.21 -6.47 19.80
N CYS B 114 22.93 -7.72 20.17
CA CYS B 114 23.36 -8.87 19.39
C CYS B 114 22.20 -9.43 18.60
N VAL B 115 22.36 -9.60 17.29
CA VAL B 115 21.42 -10.38 16.51
C VAL B 115 21.35 -11.82 17.05
N THR B 116 20.14 -12.31 17.27
CA THR B 116 19.98 -13.57 17.96
C THR B 116 19.11 -14.58 17.26
N GLN B 117 19.54 -15.84 17.29
CA GLN B 117 18.77 -16.91 16.68
C GLN B 117 18.30 -17.88 17.75
N THR B 118 17.15 -18.50 17.53
CA THR B 118 16.62 -19.47 18.49
C THR B 118 16.15 -20.75 17.83
N LEU B 119 16.82 -21.84 18.17
CA LEU B 119 16.45 -23.15 17.66
C LEU B 119 15.10 -23.61 18.21
N VAL B 120 14.32 -24.25 17.35
CA VAL B 120 13.05 -24.88 17.72
C VAL B 120 12.93 -26.20 16.97
N ASP B 121 12.17 -27.15 17.51
CA ASP B 121 11.79 -28.37 16.79
C ASP B 121 10.77 -28.03 15.72
N PRO B 122 11.08 -28.32 14.43
CA PRO B 122 10.24 -27.84 13.32
C PRO B 122 8.90 -28.61 13.16
N LYS B 123 8.72 -29.69 13.91
CA LYS B 123 7.43 -30.38 13.96
C LYS B 123 6.81 -30.23 15.36
N ASP B 124 7.08 -29.08 15.99
CA ASP B 124 6.41 -28.70 17.24
C ASP B 124 4.92 -28.71 16.97
N GLN B 125 4.11 -28.91 18.01
CA GLN B 125 2.67 -28.95 17.81
C GLN B 125 2.09 -27.66 17.20
N ALA B 126 2.81 -26.54 17.34
CA ALA B 126 2.29 -25.25 16.87
C ALA B 126 2.30 -25.13 15.34
N PHE B 127 3.15 -25.91 14.68
CA PHE B 127 3.16 -26.01 13.22
C PHE B 127 2.02 -26.90 12.74
N THR B 128 1.12 -27.25 13.65
CA THR B 128 -0.07 -28.03 13.31
C THR B 128 -1.33 -27.38 13.87
N ASN B 129 -1.15 -26.35 14.69
CA ASN B 129 -2.27 -25.51 15.09
C ASN B 129 -1.82 -24.15 15.64
N PRO B 130 -1.62 -23.17 14.73
CA PRO B 130 -1.36 -21.77 15.08
C PRO B 130 -2.29 -21.35 16.23
N THR B 131 -1.79 -20.55 17.17
CA THR B 131 -2.51 -20.32 18.41
C THR B 131 -1.96 -19.17 19.27
N LYS B 132 -1.38 -18.16 18.61
CA LYS B 132 -0.80 -17.00 19.30
C LYS B 132 -1.24 -15.68 18.67
N PRO B 133 -1.71 -14.73 19.49
CA PRO B 133 -2.18 -13.42 19.01
C PRO B 133 -1.08 -12.62 18.31
N VAL B 165 -7.28 -12.88 15.34
CA VAL B 165 -6.25 -13.58 14.57
C VAL B 165 -5.27 -14.35 15.48
N VAL B 166 -5.05 -15.62 15.16
CA VAL B 166 -4.17 -16.48 15.96
C VAL B 166 -3.04 -17.13 15.13
N VAL B 167 -1.82 -17.12 15.66
CA VAL B 167 -0.65 -17.57 14.93
C VAL B 167 0.13 -18.60 15.76
N PRO B 168 1.20 -19.19 15.18
CA PRO B 168 1.99 -20.20 15.95
C PRO B 168 2.74 -19.62 17.16
N SER B 169 3.15 -20.49 18.08
CA SER B 169 4.17 -20.12 19.06
C SER B 169 4.93 -21.35 19.55
N PRO B 170 5.88 -21.82 18.73
CA PRO B 170 6.69 -23.01 19.04
C PRO B 170 7.62 -22.81 20.24
N ARG B 171 8.06 -23.91 20.83
CA ARG B 171 8.84 -23.85 22.06
C ARG B 171 10.33 -23.63 21.82
N PRO B 172 10.91 -22.60 22.46
CA PRO B 172 12.34 -22.33 22.25
C PRO B 172 13.25 -23.40 22.86
N LEU B 173 14.20 -23.91 22.08
CA LEU B 173 15.09 -24.95 22.59
C LEU B 173 16.51 -24.46 22.84
N GLU B 174 17.01 -23.63 21.93
CA GLU B 174 18.38 -23.13 22.09
C GLU B 174 18.56 -21.70 21.58
N ILE B 175 19.18 -20.87 22.42
CA ILE B 175 19.71 -19.59 21.95
C ILE B 175 21.10 -19.85 21.33
N VAL B 176 21.25 -19.58 20.03
CA VAL B 176 22.50 -19.94 19.36
C VAL B 176 23.67 -19.15 19.94
N GLU B 177 23.44 -17.84 20.14
CA GLU B 177 24.49 -16.91 20.56
C GLU B 177 24.74 -16.98 22.06
N TYR B 178 24.22 -18.00 22.72
CA TYR B 178 24.34 -18.10 24.18
C TYR B 178 25.77 -17.86 24.67
N GLY B 179 26.72 -18.53 24.00
CA GLY B 179 28.12 -18.46 24.36
C GLY B 179 28.64 -17.03 24.35
N VAL B 180 28.32 -16.28 23.29
CA VAL B 180 28.81 -14.92 23.18
C VAL B 180 28.12 -14.00 24.19
N ILE B 181 26.86 -14.27 24.48
CA ILE B 181 26.14 -13.51 25.50
C ILE B 181 26.78 -13.73 26.86
N LYS B 182 27.02 -15.00 27.18
CA LYS B 182 27.70 -15.37 28.41
C LYS B 182 29.02 -14.63 28.54
N THR B 183 29.84 -14.70 27.51
CA THR B 183 31.11 -14.00 27.46
C THR B 183 30.93 -12.50 27.77
N LEU B 184 29.91 -11.90 27.14
CA LEU B 184 29.71 -10.46 27.15
C LEU B 184 29.32 -9.95 28.52
N ILE B 185 28.53 -10.74 29.25
CA ILE B 185 28.25 -10.36 30.63
C ILE B 185 29.42 -10.68 31.54
N ASP B 186 30.19 -11.73 31.22
CA ASP B 186 31.34 -12.01 32.06
C ASP B 186 32.28 -10.81 32.04
N ASN B 187 32.17 -10.00 30.97
CA ASN B 187 32.93 -8.76 30.86
C ASN B 187 32.13 -7.51 31.22
N ASN B 188 30.94 -7.69 31.79
CA ASN B 188 30.23 -6.59 32.39
C ASN B 188 29.66 -5.67 31.32
N VAL B 189 29.54 -6.21 30.11
CA VAL B 189 28.86 -5.49 29.05
C VAL B 189 27.34 -5.59 29.21
N LEU B 190 26.65 -4.49 28.95
CA LEU B 190 25.20 -4.47 29.05
C LEU B 190 24.59 -4.94 27.71
N VAL B 191 24.12 -6.19 27.72
CA VAL B 191 23.80 -6.93 26.50
C VAL B 191 22.33 -6.91 26.16
N ILE B 192 22.02 -6.49 24.93
CA ILE B 192 20.64 -6.53 24.43
C ILE B 192 20.53 -7.62 23.38
N CYS B 193 19.56 -8.52 23.54
CA CYS B 193 19.47 -9.65 22.63
C CYS B 193 18.16 -10.41 22.75
N THR B 194 17.98 -11.39 21.88
CA THR B 194 16.72 -12.13 21.83
C THR B 194 15.52 -11.20 21.76
N ASN B 195 15.73 -10.01 21.18
CA ASN B 195 14.63 -9.11 20.90
C ASN B 195 13.54 -9.81 20.10
N GLY B 196 12.32 -9.80 20.62
CA GLY B 196 11.22 -10.48 19.95
C GLY B 196 11.23 -11.99 20.16
N GLY B 197 12.24 -12.47 20.88
CA GLY B 197 12.30 -13.87 21.24
C GLY B 197 13.36 -14.60 20.46
N GLY B 198 14.01 -13.87 19.56
CA GLY B 198 14.97 -14.49 18.66
C GLY B 198 14.34 -14.89 17.33
N ILE B 199 15.14 -14.84 16.28
CA ILE B 199 14.79 -15.35 14.96
C ILE B 199 14.59 -16.88 14.96
N PRO B 200 13.36 -17.34 14.72
CA PRO B 200 13.10 -18.79 14.82
C PRO B 200 13.95 -19.55 13.83
N CYS B 201 14.61 -20.62 14.28
CA CYS B 201 15.44 -21.44 13.41
C CYS B 201 15.33 -22.90 13.80
N LYS B 202 15.96 -23.76 12.99
CA LYS B 202 16.03 -25.18 13.28
C LYS B 202 17.31 -25.72 12.66
N ARG B 203 17.78 -26.85 13.17
CA ARG B 203 19.09 -27.36 12.75
C ARG B 203 19.02 -28.83 12.32
N GLU B 204 18.93 -29.05 11.01
CA GLU B 204 18.91 -30.41 10.44
C GLU B 204 20.24 -30.76 9.80
N ASN B 205 20.85 -31.84 10.28
CA ASN B 205 22.08 -32.33 9.67
C ASN B 205 23.12 -31.24 9.54
N LYS B 206 23.44 -30.61 10.67
CA LYS B 206 24.51 -29.61 10.75
C LYS B 206 24.17 -28.30 10.02
N VAL B 207 22.91 -28.13 9.62
CA VAL B 207 22.49 -26.91 8.94
C VAL B 207 21.33 -26.19 9.62
N ILE B 208 21.65 -24.99 10.12
CA ILE B 208 20.63 -24.10 10.67
C ILE B 208 20.04 -23.31 9.54
N SER B 209 18.71 -23.24 9.54
CA SER B 209 17.97 -22.54 8.51
C SER B 209 16.82 -21.88 9.24
N GLY B 210 16.22 -20.86 8.64
CA GLY B 210 15.12 -20.18 9.31
C GLY B 210 13.74 -20.76 9.03
N VAL B 211 12.96 -20.96 10.11
CA VAL B 211 11.54 -21.31 9.97
C VAL B 211 10.68 -20.04 10.09
N ASP B 212 9.41 -20.14 9.70
CA ASP B 212 8.56 -18.97 9.67
C ASP B 212 7.59 -18.92 10.84
N ALA B 213 8.17 -18.80 12.03
CA ALA B 213 7.37 -18.66 13.25
C ALA B 213 7.66 -17.32 13.94
N VAL B 214 7.12 -17.19 15.13
CA VAL B 214 7.56 -16.19 16.08
C VAL B 214 7.62 -16.91 17.41
N ILE B 215 8.60 -16.54 18.24
CA ILE B 215 8.77 -17.20 19.53
C ILE B 215 8.22 -16.30 20.63
N ASP B 216 7.62 -16.92 21.64
CA ASP B 216 7.23 -16.14 22.83
C ASP B 216 8.46 -15.54 23.46
N LYS B 217 8.43 -14.23 23.62
CA LYS B 217 9.61 -13.52 24.07
C LYS B 217 9.92 -13.90 25.55
N ASP B 218 8.89 -14.24 26.31
CA ASP B 218 9.09 -14.66 27.71
C ASP B 218 9.66 -16.08 27.91
N LEU B 219 9.14 -17.08 27.20
CA LEU B 219 9.76 -18.40 27.26
C LEU B 219 11.23 -18.34 26.85
N ALA B 220 11.49 -17.75 25.68
CA ALA B 220 12.85 -17.55 25.19
C ALA B 220 13.78 -16.90 26.23
N THR B 221 13.28 -15.92 26.95
CA THR B 221 14.12 -15.25 27.93
C THR B 221 14.31 -16.12 29.16
N SER B 222 13.29 -16.92 29.47
CA SER B 222 13.41 -17.92 30.55
C SER B 222 14.52 -18.93 30.25
N LEU B 223 14.53 -19.42 29.02
CA LEU B 223 15.59 -20.30 28.54
C LEU B 223 16.97 -19.69 28.76
N LEU B 224 17.20 -18.53 28.16
CA LEU B 224 18.46 -17.81 28.29
C LEU B 224 18.85 -17.62 29.75
N ALA B 225 17.94 -17.03 30.52
CA ALA B 225 18.16 -16.76 31.94
C ALA B 225 18.62 -18.01 32.69
N LYS B 226 17.98 -19.15 32.47
CA LYS B 226 18.40 -20.36 33.16
C LYS B 226 19.66 -21.02 32.56
N THR B 227 19.96 -20.76 31.29
CA THR B 227 21.20 -21.26 30.72
C THR B 227 22.38 -20.44 31.22
N LEU B 228 22.17 -19.13 31.35
CA LEU B 228 23.15 -18.19 31.89
C LEU B 228 23.30 -18.39 33.40
N ASN B 229 22.34 -19.14 33.96
CA ASN B 229 22.26 -19.32 35.40
C ASN B 229 22.26 -17.98 36.17
N SER B 230 21.37 -17.12 35.74
CA SER B 230 21.21 -15.77 36.27
C SER B 230 20.61 -15.78 37.69
N ASP B 231 20.83 -14.69 38.43
CA ASP B 231 20.36 -14.58 39.81
C ASP B 231 18.91 -14.18 39.85
N TYR B 232 18.41 -13.71 38.72
CA TYR B 232 17.03 -13.27 38.63
C TYR B 232 16.53 -13.39 37.22
N LEU B 233 15.28 -13.78 37.10
CA LEU B 233 14.52 -13.58 35.88
C LEU B 233 13.49 -12.51 36.20
N MET B 234 13.36 -11.55 35.33
CA MET B 234 12.41 -10.48 35.59
C MET B 234 11.66 -10.16 34.28
N ILE B 235 10.33 -10.14 34.35
CA ILE B 235 9.47 -10.00 33.16
C ILE B 235 8.68 -8.71 33.36
N LEU B 236 9.00 -7.66 32.63
CA LEU B 236 8.35 -6.37 32.89
C LEU B 236 7.18 -6.09 31.94
N THR B 237 6.05 -5.68 32.52
CA THR B 237 4.80 -5.62 31.75
C THR B 237 4.04 -4.30 31.99
N ASP B 238 2.71 -4.32 31.84
CA ASP B 238 1.92 -3.10 32.09
C ASP B 238 1.01 -3.20 33.32
N VAL B 239 1.17 -4.29 34.08
CA VAL B 239 0.45 -4.44 35.33
C VAL B 239 1.43 -4.69 36.47
N LEU B 240 1.05 -4.29 37.68
CA LEU B 240 1.96 -4.40 38.82
C LEU B 240 2.15 -5.83 39.30
N ASN B 241 1.13 -6.65 39.17
CA ASN B 241 1.16 -7.99 39.72
C ASN B 241 0.43 -8.97 38.82
N ALA B 242 0.82 -10.24 38.87
CA ALA B 242 -0.03 -11.31 38.37
C ALA B 242 -1.20 -11.48 39.33
N CYS B 243 -2.41 -11.65 38.80
CA CYS B 243 -3.58 -11.86 39.64
C CYS B 243 -4.22 -13.23 39.45
N ILE B 244 -4.98 -13.67 40.44
CA ILE B 244 -5.93 -14.75 40.22
C ILE B 244 -7.33 -14.15 40.22
N ASN B 245 -8.25 -14.77 39.48
CA ASN B 245 -9.55 -14.18 39.27
C ASN B 245 -9.38 -12.73 38.76
N TYR B 246 -8.68 -12.57 37.65
CA TYR B 246 -8.40 -11.24 37.09
C TYR B 246 -9.68 -10.53 36.70
N LYS B 247 -9.81 -9.28 37.15
CA LYS B 247 -10.98 -8.46 36.82
C LYS B 247 -12.30 -9.06 37.33
N LYS B 248 -12.18 -9.98 38.29
CA LYS B 248 -13.35 -10.69 38.81
C LYS B 248 -13.52 -10.44 40.32
N PRO B 249 -14.77 -10.55 40.82
CA PRO B 249 -15.11 -9.89 42.09
C PRO B 249 -14.10 -10.11 43.21
N ASP B 250 -13.56 -11.33 43.32
CA ASP B 250 -12.65 -11.69 44.40
C ASP B 250 -11.17 -11.74 43.95
N GLU B 251 -10.73 -10.69 43.28
CA GLU B 251 -9.41 -10.67 42.68
C GLU B 251 -8.30 -10.54 43.73
N ARG B 252 -7.40 -11.53 43.74
CA ARG B 252 -6.21 -11.52 44.59
C ARG B 252 -4.99 -11.19 43.71
N LYS B 253 -4.36 -10.03 43.96
CA LYS B 253 -3.07 -9.73 43.35
C LYS B 253 -1.97 -10.57 44.03
N LEU B 254 -1.30 -11.44 43.27
CA LEU B 254 -0.27 -12.25 43.87
C LEU B 254 0.90 -11.35 44.24
N GLU B 255 1.53 -11.64 45.37
CA GLU B 255 2.73 -10.93 45.78
C GLU B 255 3.89 -11.91 45.82
N GLU B 256 4.25 -12.36 47.00
CA GLU B 256 5.39 -13.25 47.18
C GLU B 256 4.88 -14.67 47.37
N ILE B 257 5.21 -15.56 46.44
CA ILE B 257 4.57 -16.88 46.40
C ILE B 257 5.59 -18.00 46.17
N LYS B 258 5.54 -19.03 47.02
CA LYS B 258 6.35 -20.22 46.81
C LYS B 258 5.93 -20.93 45.52
N LEU B 259 6.88 -21.62 44.90
CA LEU B 259 6.68 -22.23 43.59
C LEU B 259 5.54 -23.28 43.56
N SER B 260 5.41 -24.05 44.64
CA SER B 260 4.38 -25.08 44.69
C SER B 260 2.99 -24.46 44.59
N GLU B 261 2.81 -23.36 45.31
CA GLU B 261 1.53 -22.66 45.36
C GLU B 261 1.13 -22.08 43.99
N ILE B 262 2.12 -21.59 43.24
CA ILE B 262 1.80 -20.98 41.96
C ILE B 262 1.64 -22.04 40.87
N LEU B 263 2.35 -23.16 41.03
CA LEU B 263 2.13 -24.32 40.17
C LEU B 263 0.66 -24.74 40.18
N ALA B 264 0.11 -24.86 41.38
CA ALA B 264 -1.28 -25.29 41.55
C ALA B 264 -2.28 -24.22 41.16
N LEU B 265 -1.91 -22.95 41.31
CA LEU B 265 -2.76 -21.87 40.82
C LEU B 265 -2.89 -21.93 39.30
N GLU B 266 -1.74 -22.07 38.64
CA GLU B 266 -1.66 -22.15 37.18
C GLU B 266 -2.52 -23.28 36.61
N LYS B 267 -2.36 -24.49 37.13
CA LYS B 267 -3.15 -25.64 36.68
C LYS B 267 -4.64 -25.38 36.72
N ASP B 268 -5.09 -24.60 37.71
CA ASP B 268 -6.50 -24.20 37.81
C ASP B 268 -6.95 -23.29 36.65
N GLY B 269 -6.02 -22.58 36.01
CA GLY B 269 -6.34 -21.79 34.84
C GLY B 269 -6.65 -20.32 35.10
N HIS B 270 -5.94 -19.72 36.06
CA HIS B 270 -6.08 -18.29 36.32
C HIS B 270 -5.35 -17.40 35.31
N PHE B 271 -4.44 -17.99 34.53
CA PHE B 271 -3.60 -17.18 33.64
C PHE B 271 -3.88 -17.37 32.14
N ALA B 272 -4.66 -16.44 31.58
CA ALA B 272 -5.01 -16.44 30.16
C ALA B 272 -3.81 -16.70 29.24
N ALA B 273 -3.96 -17.69 28.37
CA ALA B 273 -2.90 -18.13 27.48
C ALA B 273 -2.40 -17.06 26.50
N GLY B 274 -3.11 -15.95 26.38
CA GLY B 274 -2.69 -14.89 25.47
C GLY B 274 -1.64 -13.96 26.07
N SER B 275 -1.65 -13.83 27.40
CA SER B 275 -0.94 -12.75 28.07
C SER B 275 -0.09 -13.25 29.25
N MET B 276 -0.75 -13.58 30.35
CA MET B 276 -0.05 -13.88 31.59
C MET B 276 0.37 -15.34 31.70
N GLY B 277 -0.38 -16.23 31.05
CA GLY B 277 -0.05 -17.65 31.05
C GLY B 277 1.43 -17.89 30.80
N PRO B 278 1.91 -17.55 29.59
CA PRO B 278 3.29 -17.88 29.27
C PRO B 278 4.26 -17.12 30.16
N LYS B 279 3.86 -15.96 30.68
CA LYS B 279 4.73 -15.23 31.61
C LYS B 279 4.98 -16.02 32.89
N VAL B 280 3.89 -16.54 33.48
CA VAL B 280 4.01 -17.42 34.62
C VAL B 280 4.72 -18.72 34.26
N ARG B 281 4.42 -19.26 33.08
CA ARG B 281 5.12 -20.46 32.61
C ARG B 281 6.62 -20.22 32.68
N ALA B 282 7.02 -19.06 32.18
CA ALA B 282 8.41 -18.65 32.09
C ALA B 282 9.04 -18.51 33.46
N ALA B 283 8.36 -17.77 34.34
CA ALA B 283 8.78 -17.63 35.73
C ALA B 283 8.92 -19.00 36.40
N ILE B 284 7.87 -19.81 36.32
CA ILE B 284 7.90 -21.14 36.94
C ILE B 284 9.09 -21.95 36.49
N GLU B 285 9.25 -22.11 35.19
CA GLU B 285 10.36 -22.90 34.67
C GLU B 285 11.71 -22.39 35.13
N PHE B 286 11.90 -21.07 35.10
CA PHE B 286 13.17 -20.49 35.53
C PHE B 286 13.45 -20.82 36.98
N THR B 287 12.45 -20.66 37.83
CA THR B 287 12.66 -20.93 39.25
C THR B 287 12.81 -22.42 39.56
N GLN B 288 12.09 -23.27 38.83
CA GLN B 288 12.23 -24.73 38.97
C GLN B 288 13.64 -25.18 38.62
N ALA B 289 14.26 -24.46 37.69
CA ALA B 289 15.58 -24.88 37.18
C ALA B 289 16.75 -24.30 37.96
N THR B 290 16.59 -23.11 38.52
CA THR B 290 17.73 -22.47 39.19
C THR B 290 17.56 -22.37 40.70
N GLY B 291 16.32 -22.34 41.17
CA GLY B 291 16.05 -22.06 42.56
C GLY B 291 16.10 -20.56 42.86
N LYS B 292 16.50 -19.75 41.88
CA LYS B 292 16.47 -18.30 42.09
C LYS B 292 15.07 -17.76 41.80
N MET B 293 14.85 -16.49 42.13
CA MET B 293 13.52 -15.90 42.04
C MET B 293 13.26 -15.31 40.67
N SER B 294 12.01 -15.38 40.23
CA SER B 294 11.54 -14.70 39.04
C SER B 294 10.55 -13.63 39.49
N ILE B 295 10.24 -12.70 38.59
CA ILE B 295 9.42 -11.55 38.95
C ILE B 295 8.51 -11.17 37.78
N ILE B 296 7.30 -10.71 38.10
CA ILE B 296 6.39 -10.12 37.12
C ILE B 296 5.91 -8.78 37.68
N THR B 297 6.29 -7.67 37.06
CA THR B 297 5.88 -6.35 37.54
C THR B 297 5.68 -5.39 36.41
N SER B 298 5.21 -4.20 36.76
CA SER B 298 5.18 -3.10 35.83
C SER B 298 6.60 -2.58 35.60
N LEU B 299 6.84 -2.13 34.38
CA LEU B 299 8.12 -1.60 33.95
C LEU B 299 8.72 -0.50 34.86
N SER B 300 7.88 0.30 35.51
CA SER B 300 8.39 1.45 36.27
C SER B 300 8.59 1.19 37.77
N THR B 301 8.18 0.01 38.21
CA THR B 301 8.41 -0.42 39.59
C THR B 301 9.35 -1.63 39.58
N ALA B 302 10.35 -1.59 38.70
CA ALA B 302 11.22 -2.73 38.53
C ALA B 302 12.26 -2.81 39.65
N VAL B 303 12.90 -1.69 39.95
CA VAL B 303 13.87 -1.62 41.02
C VAL B 303 13.24 -1.97 42.36
N ASP B 304 11.99 -1.53 42.58
CA ASP B 304 11.29 -1.83 43.83
C ASP B 304 11.07 -3.33 44.00
N ALA B 305 10.65 -4.00 42.93
CA ALA B 305 10.41 -5.43 43.03
C ALA B 305 11.69 -6.15 43.42
N LEU B 306 12.81 -5.73 42.83
CA LEU B 306 14.14 -6.26 43.14
C LEU B 306 14.48 -6.02 44.62
N ASN B 307 14.07 -4.86 45.14
CA ASN B 307 14.24 -4.55 46.55
C ASN B 307 13.17 -5.20 47.42
N GLY B 308 12.46 -6.18 46.86
CA GLY B 308 11.44 -6.91 47.58
C GLY B 308 10.18 -6.15 47.94
N LYS B 309 10.07 -4.89 47.52
CA LYS B 309 9.00 -4.02 48.02
C LYS B 309 7.65 -4.13 47.28
N CYS B 310 7.60 -4.87 46.18
CA CYS B 310 6.35 -5.02 45.43
C CYS B 310 6.39 -6.10 44.35
N GLY B 311 5.33 -6.16 43.54
CA GLY B 311 5.28 -7.06 42.42
C GLY B 311 5.20 -8.54 42.77
N THR B 312 4.67 -9.32 41.84
CA THR B 312 4.62 -10.77 41.99
C THR B 312 6.02 -11.36 42.00
N ARG B 313 6.42 -11.94 43.12
CA ARG B 313 7.73 -12.56 43.23
C ARG B 313 7.64 -14.05 43.54
N ILE B 314 7.96 -14.86 42.54
CA ILE B 314 7.93 -16.31 42.70
C ILE B 314 9.29 -16.83 43.19
N ILE B 315 9.26 -17.64 44.24
CA ILE B 315 10.47 -18.17 44.86
C ILE B 315 10.37 -19.69 45.06
N LYS B 316 11.49 -20.30 45.43
CA LYS B 316 11.57 -21.74 45.56
C LYS B 316 11.00 -22.25 46.89
N ASP B 317 10.58 -23.51 46.92
CA ASP B 317 10.06 -24.09 48.14
C ASP B 317 11.17 -24.27 49.20
N MET C 2 -44.20 6.77 -19.13
CA MET C 2 -45.38 7.10 -19.95
C MET C 2 -45.38 8.58 -20.32
N SER C 3 -45.73 8.85 -21.58
CA SER C 3 -45.57 10.19 -22.14
C SER C 3 -46.43 11.24 -21.43
N ALA C 4 -47.42 10.79 -20.65
CA ALA C 4 -48.36 11.70 -20.00
C ALA C 4 -47.99 12.17 -18.58
N GLY C 5 -47.17 11.38 -17.88
CA GLY C 5 -46.89 11.63 -16.47
C GLY C 5 -46.12 12.91 -16.16
N LYS C 6 -46.46 13.52 -15.01
CA LYS C 6 -45.70 14.67 -14.49
C LYS C 6 -44.30 14.22 -14.07
N THR C 7 -43.40 15.17 -13.92
CA THR C 7 -42.02 14.83 -13.64
C THR C 7 -41.69 15.12 -12.18
N VAL C 8 -41.11 14.14 -11.50
CA VAL C 8 -40.70 14.37 -10.13
C VAL C 8 -39.22 14.03 -9.97
N VAL C 9 -38.46 15.02 -9.51
CA VAL C 9 -37.05 14.87 -9.26
C VAL C 9 -36.83 14.46 -7.80
N ILE C 10 -36.05 13.41 -7.63
CA ILE C 10 -35.92 12.80 -6.31
C ILE C 10 -34.47 12.71 -5.89
N ALA C 11 -34.10 13.42 -4.81
CA ALA C 11 -32.76 13.26 -4.26
C ALA C 11 -32.78 12.27 -3.09
N LEU C 12 -32.27 11.06 -3.34
CA LEU C 12 -32.11 10.07 -2.27
C LEU C 12 -30.96 10.48 -1.34
N GLY C 13 -31.05 10.05 -0.08
CA GLY C 13 -30.01 10.33 0.90
C GLY C 13 -29.15 9.14 1.34
N GLY C 14 -28.54 9.28 2.50
CA GLY C 14 -27.65 8.28 3.04
C GLY C 14 -28.28 6.90 3.19
N ASN C 15 -29.59 6.85 3.46
CA ASN C 15 -30.24 5.58 3.80
C ASN C 15 -30.71 4.77 2.59
N ALA C 16 -30.23 5.18 1.42
CA ALA C 16 -30.53 4.48 0.19
C ALA C 16 -29.46 3.42 0.06
N MET C 17 -28.39 3.62 0.81
CA MET C 17 -27.21 2.77 0.73
C MET C 17 -26.64 2.37 2.09
N LEU C 18 -27.17 2.92 3.17
CA LEU C 18 -26.57 2.67 4.47
C LEU C 18 -27.50 3.02 5.63
N GLN C 19 -27.69 2.04 6.51
CA GLN C 19 -28.33 2.29 7.79
C GLN C 19 -27.22 2.62 8.77
N ALA C 20 -27.59 3.18 9.91
CA ALA C 20 -26.60 3.54 10.93
C ALA C 20 -25.87 2.29 11.37
N LYS C 21 -24.57 2.43 11.65
CA LYS C 21 -23.74 1.33 12.12
C LYS C 21 -23.50 0.22 11.07
N GLU C 22 -23.87 0.48 9.81
CA GLU C 22 -23.63 -0.51 8.75
C GLU C 22 -22.29 -0.24 8.07
N LYS C 23 -21.61 -1.30 7.66
CA LYS C 23 -20.28 -1.15 7.09
C LYS C 23 -20.30 -1.17 5.54
N GLY C 24 -19.39 -0.41 4.94
CA GLY C 24 -19.37 -0.16 3.51
C GLY C 24 -19.14 -1.35 2.59
N ASP C 25 -19.59 -2.55 2.99
CA ASP C 25 -19.53 -3.72 2.10
C ASP C 25 -20.47 -3.58 0.89
N TYR C 26 -20.01 -4.04 -0.27
CA TYR C 26 -20.80 -3.92 -1.48
C TYR C 26 -22.20 -4.53 -1.33
N ASP C 27 -22.33 -5.72 -0.74
CA ASP C 27 -23.67 -6.33 -0.67
C ASP C 27 -24.61 -5.60 0.29
N THR C 28 -24.05 -5.15 1.40
CA THR C 28 -24.80 -4.33 2.36
C THR C 28 -25.45 -3.16 1.62
N GLN C 29 -24.71 -2.56 0.69
CA GLN C 29 -25.24 -1.42 -0.02
C GLN C 29 -26.15 -1.87 -1.14
N ARG C 30 -25.79 -2.95 -1.83
CA ARG C 30 -26.70 -3.52 -2.81
C ARG C 30 -28.09 -3.75 -2.23
N LYS C 31 -28.16 -4.39 -1.07
CA LYS C 31 -29.46 -4.71 -0.46
C LYS C 31 -30.27 -3.44 -0.14
N ASN C 32 -29.61 -2.43 0.43
CA ASN C 32 -30.24 -1.13 0.66
C ASN C 32 -30.79 -0.49 -0.63
N VAL C 33 -30.00 -0.52 -1.69
CA VAL C 33 -30.37 0.06 -2.97
C VAL C 33 -31.61 -0.58 -3.61
N GLU C 34 -31.73 -1.91 -3.48
CA GLU C 34 -32.89 -2.64 -4.00
C GLU C 34 -34.17 -2.27 -3.26
N ILE C 35 -34.04 -2.05 -1.96
CA ILE C 35 -35.15 -1.52 -1.18
C ILE C 35 -35.59 -0.13 -1.70
N ALA C 36 -34.68 0.86 -1.65
CA ALA C 36 -34.98 2.18 -2.17
C ALA C 36 -35.55 2.09 -3.58
N ALA C 37 -35.18 1.03 -4.30
CA ALA C 37 -35.63 0.91 -5.68
C ALA C 37 -37.11 0.48 -5.78
N SER C 38 -37.59 -0.35 -4.85
CA SER C 38 -38.99 -0.75 -4.96
C SER C 38 -39.92 0.37 -4.51
N GLU C 39 -39.42 1.29 -3.70
CA GLU C 39 -40.17 2.51 -3.42
C GLU C 39 -40.24 3.39 -4.67
N ILE C 40 -39.11 3.57 -5.32
CA ILE C 40 -39.08 4.37 -6.53
C ILE C 40 -39.89 3.72 -7.66
N TYR C 41 -39.95 2.40 -7.70
CA TYR C 41 -40.71 1.78 -8.77
C TYR C 41 -42.17 2.16 -8.62
N LYS C 42 -42.65 2.16 -7.37
CA LYS C 42 -44.02 2.59 -7.06
C LYS C 42 -44.37 3.93 -7.72
N ILE C 43 -43.53 4.94 -7.53
CA ILE C 43 -43.77 6.25 -8.12
C ILE C 43 -43.84 6.18 -9.65
N HIS C 44 -42.97 5.36 -10.24
CA HIS C 44 -42.97 5.16 -11.68
C HIS C 44 -44.25 4.46 -12.19
N LYS C 45 -44.77 3.52 -11.41
CA LYS C 45 -45.96 2.77 -11.77
C LYS C 45 -47.19 3.66 -11.61
N ALA C 46 -47.14 4.55 -10.63
CA ALA C 46 -48.20 5.55 -10.48
C ALA C 46 -48.27 6.44 -11.73
N GLY C 47 -47.20 6.45 -12.53
CA GLY C 47 -47.20 7.12 -13.81
C GLY C 47 -46.38 8.39 -13.86
N TYR C 48 -45.58 8.65 -12.83
CA TYR C 48 -44.71 9.81 -12.87
C TYR C 48 -43.43 9.49 -13.64
N LYS C 49 -42.88 10.47 -14.36
CA LYS C 49 -41.53 10.34 -14.85
C LYS C 49 -40.59 10.61 -13.67
N VAL C 50 -39.41 10.00 -13.67
CA VAL C 50 -38.50 10.13 -12.52
C VAL C 50 -37.08 10.47 -12.93
N VAL C 51 -36.52 11.46 -12.25
CA VAL C 51 -35.10 11.70 -12.24
C VAL C 51 -34.54 11.32 -10.86
N LEU C 52 -33.52 10.46 -10.83
CA LEU C 52 -32.96 9.99 -9.58
C LEU C 52 -31.65 10.66 -9.24
N THR C 53 -31.50 11.13 -8.01
CA THR C 53 -30.24 11.78 -7.64
C THR C 53 -29.75 11.18 -6.32
N SER C 54 -28.57 11.57 -5.86
CA SER C 54 -28.03 10.94 -4.67
C SER C 54 -27.04 11.78 -3.92
N GLY C 55 -26.73 11.33 -2.70
CA GLY C 55 -25.53 11.73 -1.98
C GLY C 55 -24.46 10.66 -2.23
N ASN C 56 -23.20 10.99 -1.97
CA ASN C 56 -22.11 10.03 -2.20
C ASN C 56 -21.07 10.05 -1.08
N GLY C 57 -21.41 10.68 0.04
CA GLY C 57 -20.42 11.02 1.07
C GLY C 57 -19.53 9.87 1.50
N PRO C 58 -20.14 8.86 2.11
CA PRO C 58 -19.39 7.68 2.57
C PRO C 58 -18.66 7.00 1.40
N GLN C 59 -19.36 6.78 0.30
CA GLN C 59 -18.78 6.14 -0.88
C GLN C 59 -17.52 6.81 -1.41
N VAL C 60 -17.53 8.13 -1.62
CA VAL C 60 -16.34 8.80 -2.11
C VAL C 60 -15.31 9.00 -1.01
N GLY C 61 -15.77 9.03 0.25
CA GLY C 61 -14.85 8.93 1.36
C GLY C 61 -14.01 7.67 1.19
N ALA C 62 -14.67 6.52 1.25
CA ALA C 62 -14.01 5.23 1.07
C ALA C 62 -13.09 5.19 -0.16
N ILE C 63 -13.51 5.77 -1.28
CA ILE C 63 -12.65 5.77 -2.43
C ILE C 63 -11.41 6.66 -2.21
N LYS C 64 -11.61 7.86 -1.69
CA LYS C 64 -10.51 8.76 -1.38
C LYS C 64 -9.64 8.12 -0.31
N LEU C 65 -10.19 7.10 0.34
CA LEU C 65 -9.49 6.41 1.42
C LEU C 65 -8.56 5.39 0.80
N GLN C 66 -9.08 4.60 -0.12
CA GLN C 66 -8.28 3.59 -0.80
C GLN C 66 -7.21 4.28 -1.66
N ASN C 67 -7.43 5.55 -1.99
CA ASN C 67 -6.51 6.23 -2.90
C ASN C 67 -5.29 6.79 -2.20
N GLN C 68 -5.48 7.28 -0.98
CA GLN C 68 -4.37 7.82 -0.21
C GLN C 68 -3.58 6.68 0.42
N ALA C 69 -4.31 5.64 0.78
CA ALA C 69 -3.74 4.46 1.42
C ALA C 69 -3.16 3.48 0.42
N ALA C 70 -2.82 3.94 -0.78
CA ALA C 70 -2.16 3.06 -1.74
C ALA C 70 -1.23 3.86 -2.64
N ALA C 71 -1.06 5.13 -2.29
CA ALA C 71 -0.19 6.07 -2.99
C ALA C 71 1.22 5.53 -3.24
N GLY C 72 1.51 4.36 -2.69
CA GLY C 72 2.83 3.80 -2.85
C GLY C 72 2.83 2.75 -3.94
N VAL C 73 1.65 2.28 -4.28
CA VAL C 73 1.57 1.13 -5.15
C VAL C 73 0.57 1.38 -6.29
N SER C 74 0.10 2.63 -6.37
CA SER C 74 -0.82 3.05 -7.43
C SER C 74 -1.06 4.54 -7.28
N PRO C 75 -1.02 5.28 -8.40
CA PRO C 75 -1.03 6.75 -8.29
C PRO C 75 -2.31 7.27 -7.64
N GLU C 76 -2.21 8.36 -6.88
CA GLU C 76 -3.35 8.82 -6.09
C GLU C 76 -4.24 9.84 -6.82
N MET C 77 -5.37 9.38 -7.33
CA MET C 77 -6.32 10.25 -8.03
C MET C 77 -6.86 11.33 -7.09
N PRO C 78 -7.16 12.51 -7.62
CA PRO C 78 -7.65 13.60 -6.75
C PRO C 78 -9.12 13.43 -6.40
N LEU C 79 -9.62 14.26 -5.48
CA LEU C 79 -10.99 14.10 -5.00
C LEU C 79 -12.01 14.06 -6.15
N HIS C 80 -11.83 14.90 -7.17
CA HIS C 80 -12.87 15.06 -8.17
C HIS C 80 -12.91 13.87 -9.11
N VAL C 81 -11.76 13.30 -9.46
CA VAL C 81 -11.74 12.00 -10.11
C VAL C 81 -12.34 10.89 -9.24
N CYS C 82 -12.17 11.01 -7.93
CA CYS C 82 -12.73 10.06 -6.99
C CYS C 82 -14.24 10.06 -7.03
N GLY C 83 -14.80 11.26 -6.93
CA GLY C 83 -16.24 11.42 -7.04
C GLY C 83 -16.77 10.77 -8.31
N ALA C 84 -15.99 10.86 -9.40
CA ALA C 84 -16.39 10.31 -10.69
C ALA C 84 -16.52 8.78 -10.63
N MET C 85 -15.63 8.13 -9.86
CA MET C 85 -15.70 6.67 -9.69
C MET C 85 -16.88 6.31 -8.80
N SER C 86 -17.19 7.18 -7.84
CA SER C 86 -18.31 6.99 -6.94
C SER C 86 -19.59 6.96 -7.74
N GLN C 87 -19.69 7.93 -8.65
CA GLN C 87 -20.85 8.01 -9.55
C GLN C 87 -20.95 6.72 -10.33
N GLY C 88 -19.82 6.27 -10.85
CA GLY C 88 -19.79 4.99 -11.53
C GLY C 88 -20.34 3.88 -10.64
N PHE C 89 -19.79 3.79 -9.44
CA PHE C 89 -20.21 2.78 -8.48
C PHE C 89 -21.69 2.92 -8.08
N ILE C 90 -22.08 4.12 -7.66
CA ILE C 90 -23.46 4.31 -7.22
C ILE C 90 -24.47 4.08 -8.35
N GLY C 91 -24.29 4.78 -9.46
CA GLY C 91 -25.15 4.60 -10.63
C GLY C 91 -25.32 3.13 -10.98
N TYR C 92 -24.21 2.40 -11.05
CA TYR C 92 -24.29 0.98 -11.37
C TYR C 92 -25.32 0.29 -10.47
N MET C 93 -25.21 0.49 -9.16
CA MET C 93 -26.11 -0.12 -8.21
C MET C 93 -27.56 0.30 -8.39
N MET C 94 -27.81 1.61 -8.47
CA MET C 94 -29.16 2.07 -8.76
C MET C 94 -29.67 1.62 -10.15
N SER C 95 -28.81 1.69 -11.16
CA SER C 95 -29.13 1.18 -12.49
C SER C 95 -29.58 -0.27 -12.41
N GLN C 96 -28.73 -1.12 -11.86
CA GLN C 96 -29.01 -2.54 -11.83
C GLN C 96 -30.27 -2.85 -11.02
N ALA C 97 -30.33 -2.30 -9.81
CA ALA C 97 -31.47 -2.55 -8.93
C ALA C 97 -32.75 -2.09 -9.60
N MET C 98 -32.70 -0.88 -10.15
CA MET C 98 -33.85 -0.28 -10.84
C MET C 98 -34.34 -1.18 -11.98
N ASP C 99 -33.41 -1.61 -12.84
CA ASP C 99 -33.73 -2.57 -13.89
C ASP C 99 -34.32 -3.86 -13.33
N ASN C 100 -33.71 -4.39 -12.27
CA ASN C 100 -34.18 -5.63 -11.66
C ASN C 100 -35.63 -5.60 -11.21
N VAL C 101 -36.04 -4.47 -10.66
CA VAL C 101 -37.40 -4.37 -10.14
C VAL C 101 -38.40 -4.18 -11.29
N PHE C 102 -38.09 -3.32 -12.25
CA PHE C 102 -38.88 -3.25 -13.47
C PHE C 102 -39.22 -4.65 -13.97
N CYS C 103 -38.20 -5.44 -14.21
CA CYS C 103 -38.39 -6.80 -14.68
C CYS C 103 -39.25 -7.62 -13.71
N ALA C 104 -38.99 -7.48 -12.42
CA ALA C 104 -39.80 -8.16 -11.42
C ALA C 104 -41.27 -7.88 -11.68
N ASN C 105 -41.56 -6.70 -12.22
CA ASN C 105 -42.93 -6.30 -12.55
C ASN C 105 -43.26 -6.46 -14.05
N ASN C 106 -42.40 -7.18 -14.76
CA ASN C 106 -42.63 -7.44 -16.19
C ASN C 106 -42.73 -6.19 -17.06
N GLU C 107 -42.05 -5.13 -16.65
CA GLU C 107 -41.90 -3.99 -17.52
C GLU C 107 -40.54 -4.08 -18.21
N PRO C 108 -40.48 -3.68 -19.49
CA PRO C 108 -39.13 -3.66 -20.07
C PRO C 108 -38.28 -2.55 -19.42
N ALA C 109 -36.99 -2.79 -19.28
CA ALA C 109 -36.14 -1.84 -18.60
C ALA C 109 -35.96 -0.57 -19.44
N ASN C 110 -36.10 0.60 -18.82
CA ASN C 110 -35.86 1.86 -19.52
C ASN C 110 -35.28 2.89 -18.57
N CYS C 111 -33.98 2.78 -18.34
CA CYS C 111 -33.30 3.43 -17.23
C CYS C 111 -31.81 3.52 -17.54
N VAL C 112 -31.19 4.63 -17.11
CA VAL C 112 -29.79 4.87 -17.35
C VAL C 112 -29.19 5.81 -16.31
N THR C 113 -27.87 5.74 -16.17
CA THR C 113 -27.16 6.61 -15.28
C THR C 113 -26.15 7.42 -16.10
N CYS C 114 -26.12 8.72 -15.89
CA CYS C 114 -25.21 9.56 -16.62
C CYS C 114 -24.17 10.14 -15.70
N VAL C 115 -22.90 9.96 -16.04
CA VAL C 115 -21.87 10.73 -15.39
C VAL C 115 -22.23 12.22 -15.50
N THR C 116 -22.24 12.91 -14.37
CA THR C 116 -22.69 14.30 -14.33
C THR C 116 -21.63 15.26 -13.80
N GLN C 117 -21.40 16.35 -14.52
CA GLN C 117 -20.49 17.40 -14.03
C GLN C 117 -21.28 18.63 -13.54
N THR C 118 -20.97 19.09 -12.33
CA THR C 118 -21.58 20.30 -11.80
C THR C 118 -20.58 21.47 -11.78
N LEU C 119 -20.80 22.48 -12.62
CA LEU C 119 -19.95 23.67 -12.56
C LEU C 119 -20.15 24.47 -11.27
N VAL C 120 -19.03 24.83 -10.65
CA VAL C 120 -19.09 25.71 -9.50
C VAL C 120 -18.46 27.06 -9.83
N ASP C 121 -18.62 28.02 -8.92
CA ASP C 121 -18.01 29.34 -9.12
C ASP C 121 -16.65 29.36 -8.43
N PRO C 122 -15.58 29.60 -9.21
CA PRO C 122 -14.26 29.51 -8.59
C PRO C 122 -14.09 30.62 -7.55
N LYS C 123 -14.89 31.68 -7.66
CA LYS C 123 -14.87 32.78 -6.68
C LYS C 123 -15.83 32.55 -5.53
N ASP C 124 -16.33 31.33 -5.38
CA ASP C 124 -17.16 30.93 -4.24
C ASP C 124 -16.39 31.16 -2.95
N GLN C 125 -17.10 31.48 -1.87
CA GLN C 125 -16.44 31.81 -0.62
C GLN C 125 -16.07 30.54 0.14
N ALA C 126 -16.77 29.45 -0.16
CA ALA C 126 -16.48 28.15 0.42
C ALA C 126 -15.07 27.68 0.03
N PHE C 127 -14.57 28.19 -1.10
CA PHE C 127 -13.20 27.91 -1.51
C PHE C 127 -12.21 28.42 -0.48
N THR C 128 -12.66 29.39 0.32
CA THR C 128 -11.91 29.85 1.48
C THR C 128 -12.22 28.94 2.69
N ASN C 129 -13.52 28.77 3.00
CA ASN C 129 -13.93 27.93 4.14
C ASN C 129 -14.16 26.47 3.78
N PRO C 130 -13.09 25.66 3.85
CA PRO C 130 -13.09 24.26 3.42
C PRO C 130 -13.65 23.37 4.53
N THR C 131 -14.95 23.13 4.50
CA THR C 131 -15.62 22.54 5.64
C THR C 131 -15.92 21.04 5.52
N LYS C 132 -15.08 20.29 4.83
CA LYS C 132 -15.38 18.87 4.59
C LYS C 132 -14.20 17.91 4.78
N PRO C 133 -14.22 17.15 5.88
CA PRO C 133 -13.15 16.20 6.18
C PRO C 133 -13.13 15.02 5.22
N VAL C 134 -12.00 14.81 4.55
CA VAL C 134 -11.92 13.90 3.41
C VAL C 134 -10.60 13.12 3.37
N GLY C 135 -10.70 11.80 3.29
CA GLY C 135 -9.51 10.98 3.12
C GLY C 135 -8.90 10.41 4.39
N ARG C 136 -7.58 10.60 4.51
CA ARG C 136 -6.81 9.96 5.59
C ARG C 136 -6.29 10.94 6.63
N PHE C 137 -6.09 10.44 7.84
CA PHE C 137 -5.60 11.23 8.96
C PHE C 137 -4.07 11.21 8.98
N TYR C 138 -3.47 12.26 9.51
CA TYR C 138 -2.01 12.34 9.58
C TYR C 138 -1.55 12.57 11.01
N THR C 139 -0.36 12.09 11.33
CA THR C 139 0.25 12.43 12.59
C THR C 139 0.57 13.93 12.60
N GLU C 140 0.85 14.47 13.79
CA GLU C 140 1.18 15.88 13.93
C GLU C 140 2.28 16.32 12.97
N GLN C 141 3.27 15.47 12.76
CA GLN C 141 4.38 15.83 11.89
C GLN C 141 4.14 15.71 10.37
N GLU C 142 3.47 14.65 9.93
CA GLU C 142 3.18 14.51 8.52
C GLU C 142 1.95 15.34 8.12
N ALA C 143 1.24 15.86 9.13
CA ALA C 143 0.20 16.86 8.88
C ALA C 143 0.85 18.24 8.89
N LYS C 144 2.10 18.27 9.37
CA LYS C 144 2.94 19.47 9.46
C LYS C 144 3.80 19.65 8.21
N ASP C 145 4.06 18.54 7.51
CA ASP C 145 4.96 18.55 6.36
C ASP C 145 4.20 18.37 5.05
N LEU C 146 2.88 18.26 5.13
CA LEU C 146 2.08 18.08 3.93
C LEU C 146 1.21 19.30 3.64
N MET C 147 1.16 20.23 4.60
CA MET C 147 0.63 21.56 4.34
C MET C 147 1.83 22.45 4.03
N ALA C 148 3.00 21.94 4.42
CA ALA C 148 4.28 22.60 4.13
C ALA C 148 4.65 22.42 2.65
N ALA C 149 3.86 21.62 1.93
CA ALA C 149 4.08 21.40 0.50
C ALA C 149 3.03 22.13 -0.31
N ASN C 150 1.75 21.85 -0.03
CA ASN C 150 0.64 22.57 -0.64
C ASN C 150 0.29 23.79 0.21
N PRO C 151 0.93 24.93 -0.10
CA PRO C 151 0.98 26.13 0.79
C PRO C 151 -0.39 26.51 1.31
N GLY C 152 -1.42 26.11 0.58
CA GLY C 152 -2.79 26.28 1.02
C GLY C 152 -3.51 24.94 1.10
N LYS C 153 -3.34 24.23 2.21
CA LYS C 153 -4.05 22.98 2.43
C LYS C 153 -4.37 22.80 3.92
N ILE C 154 -5.58 23.19 4.29
CA ILE C 154 -6.01 23.17 5.69
C ILE C 154 -6.39 21.75 6.13
N LEU C 155 -5.95 21.39 7.33
CA LEU C 155 -6.44 20.17 7.98
C LEU C 155 -7.09 20.51 9.32
N ARG C 156 -7.92 19.60 9.81
CA ARG C 156 -8.50 19.73 11.15
C ARG C 156 -8.30 18.41 11.86
N GLU C 157 -8.09 18.47 13.17
CA GLU C 157 -8.15 17.25 13.95
C GLU C 157 -9.62 16.97 14.25
N ASP C 158 -9.96 15.70 14.37
CA ASP C 158 -11.28 15.32 14.86
C ASP C 158 -11.33 13.86 15.28
N ALA C 159 -12.14 13.59 16.30
CA ALA C 159 -12.40 12.23 16.77
C ALA C 159 -11.17 11.44 17.18
N GLY C 160 -10.14 12.14 17.66
CA GLY C 160 -9.02 11.48 18.31
C GLY C 160 -7.93 10.85 17.45
N ARG C 161 -8.29 10.17 16.36
CA ARG C 161 -7.28 9.38 15.65
C ARG C 161 -6.55 10.04 14.46
N GLY C 162 -6.59 11.36 14.39
CA GLY C 162 -5.81 12.04 13.37
C GLY C 162 -6.28 13.41 12.93
N TRP C 163 -5.75 13.80 11.77
CA TRP C 163 -5.94 15.13 11.20
C TRP C 163 -6.31 15.01 9.73
N ARG C 164 -7.60 15.14 9.42
CA ARG C 164 -8.07 14.90 8.06
C ARG C 164 -8.12 16.18 7.23
N VAL C 165 -7.92 16.03 5.92
CA VAL C 165 -7.89 17.14 4.97
C VAL C 165 -9.29 17.70 4.66
N VAL C 166 -9.49 19.00 4.80
CA VAL C 166 -10.81 19.61 4.66
C VAL C 166 -11.00 20.45 3.37
N VAL C 167 -12.13 20.20 2.67
CA VAL C 167 -12.37 20.73 1.31
C VAL C 167 -13.63 21.60 1.18
N PRO C 168 -13.60 22.58 0.25
CA PRO C 168 -14.68 23.54 0.01
C PRO C 168 -16.02 22.86 -0.30
N SER C 169 -17.13 23.46 0.17
CA SER C 169 -18.44 23.02 -0.27
C SER C 169 -19.15 24.19 -0.91
N PRO C 170 -18.88 24.41 -2.20
CA PRO C 170 -19.41 25.57 -2.93
C PRO C 170 -20.84 25.32 -3.39
N ARG C 171 -21.50 26.35 -3.90
CA ARG C 171 -22.83 26.16 -4.48
C ARG C 171 -22.71 25.72 -5.94
N PRO C 172 -23.66 24.87 -6.40
CA PRO C 172 -23.67 24.45 -7.80
C PRO C 172 -24.24 25.54 -8.69
N LEU C 173 -23.66 25.75 -9.88
CA LEU C 173 -24.11 26.80 -10.79
C LEU C 173 -24.91 26.24 -11.96
N GLU C 174 -24.39 25.18 -12.57
CA GLU C 174 -25.04 24.60 -13.74
C GLU C 174 -24.80 23.10 -13.81
N ILE C 175 -25.79 22.36 -14.29
CA ILE C 175 -25.55 20.97 -14.62
C ILE C 175 -25.08 20.86 -16.10
N VAL C 176 -23.85 20.38 -16.30
CA VAL C 176 -23.28 20.35 -17.64
C VAL C 176 -24.14 19.48 -18.56
N GLU C 177 -24.69 18.39 -18.03
CA GLU C 177 -25.44 17.44 -18.85
C GLU C 177 -26.96 17.70 -18.92
N TYR C 178 -27.40 18.86 -18.42
CA TYR C 178 -28.81 19.20 -18.40
C TYR C 178 -29.60 18.82 -19.68
N GLY C 179 -29.06 19.22 -20.84
CA GLY C 179 -29.73 19.04 -22.11
C GLY C 179 -30.06 17.57 -22.36
N VAL C 180 -29.04 16.75 -22.25
CA VAL C 180 -29.20 15.32 -22.43
C VAL C 180 -30.21 14.75 -21.44
N ILE C 181 -30.18 15.28 -20.21
CA ILE C 181 -31.09 14.82 -19.16
C ILE C 181 -32.53 15.16 -19.53
N LYS C 182 -32.75 16.42 -19.90
CA LYS C 182 -34.04 16.81 -20.45
C LYS C 182 -34.44 15.87 -21.60
N THR C 183 -33.56 15.74 -22.59
CA THR C 183 -33.84 14.85 -23.71
C THR C 183 -34.29 13.47 -23.19
N LEU C 184 -33.48 12.92 -22.31
CA LEU C 184 -33.79 11.62 -21.78
C LEU C 184 -35.17 11.59 -21.13
N ILE C 185 -35.58 12.62 -20.38
CA ILE C 185 -36.92 12.56 -19.79
C ILE C 185 -38.04 12.78 -20.81
N ASP C 186 -37.75 13.55 -21.86
CA ASP C 186 -38.78 13.79 -22.88
C ASP C 186 -39.11 12.49 -23.57
N ASN C 187 -38.18 11.55 -23.51
CA ASN C 187 -38.38 10.24 -24.12
C ASN C 187 -38.74 9.20 -23.08
N ASN C 188 -39.02 9.69 -21.88
CA ASN C 188 -39.64 8.90 -20.85
C ASN C 188 -38.67 7.86 -20.36
N VAL C 189 -37.41 8.26 -20.23
CA VAL C 189 -36.40 7.38 -19.65
C VAL C 189 -36.19 7.67 -18.16
N LEU C 190 -36.18 6.62 -17.35
CA LEU C 190 -35.86 6.79 -15.95
C LEU C 190 -34.36 7.13 -15.82
N VAL C 191 -34.08 8.41 -15.53
CA VAL C 191 -32.73 8.97 -15.51
C VAL C 191 -32.13 9.09 -14.11
N ILE C 192 -30.89 8.60 -13.98
CA ILE C 192 -30.14 8.71 -12.75
C ILE C 192 -28.91 9.53 -13.02
N CYS C 193 -28.71 10.59 -12.24
CA CYS C 193 -27.60 11.51 -12.48
C CYS C 193 -27.33 12.38 -11.27
N THR C 194 -26.19 13.05 -11.30
CA THR C 194 -25.81 13.98 -10.24
C THR C 194 -25.45 13.28 -8.91
N ASN C 195 -25.41 11.94 -8.91
CA ASN C 195 -25.02 11.20 -7.71
C ASN C 195 -23.84 11.89 -7.01
N GLY C 196 -24.05 12.34 -5.77
CA GLY C 196 -23.02 13.03 -5.02
C GLY C 196 -23.05 14.55 -5.21
N GLY C 197 -23.97 15.00 -6.04
CA GLY C 197 -24.13 16.42 -6.30
C GLY C 197 -23.48 16.82 -7.61
N GLY C 198 -22.87 15.84 -8.28
CA GLY C 198 -22.11 16.11 -9.49
C GLY C 198 -20.63 16.32 -9.21
N ILE C 199 -19.79 15.88 -10.15
CA ILE C 199 -18.35 16.12 -10.08
C ILE C 199 -18.10 17.64 -10.17
N PRO C 200 -17.54 18.23 -9.11
CA PRO C 200 -17.35 19.70 -9.04
C PRO C 200 -16.40 20.19 -10.12
N CYS C 201 -16.85 21.12 -10.95
CA CYS C 201 -16.03 21.63 -12.06
C CYS C 201 -15.99 23.15 -12.10
N LYS C 202 -15.09 23.68 -12.93
CA LYS C 202 -15.12 25.08 -13.24
C LYS C 202 -14.87 25.30 -14.72
N ARG C 203 -15.49 26.33 -15.27
CA ARG C 203 -15.18 26.72 -16.64
C ARG C 203 -14.51 28.09 -16.67
N GLU C 204 -13.26 28.11 -17.11
CA GLU C 204 -12.56 29.36 -17.37
C GLU C 204 -11.98 29.32 -18.76
N ASN C 205 -12.08 30.45 -19.46
CA ASN C 205 -11.48 30.58 -20.77
C ASN C 205 -11.83 29.41 -21.67
N LYS C 206 -13.13 29.12 -21.74
CA LYS C 206 -13.65 28.01 -22.57
C LYS C 206 -13.19 26.62 -22.15
N VAL C 207 -12.60 26.49 -20.97
CA VAL C 207 -12.13 25.17 -20.49
C VAL C 207 -12.82 24.69 -19.18
N ILE C 208 -13.37 23.47 -19.23
CA ILE C 208 -13.90 22.84 -18.02
C ILE C 208 -12.81 21.98 -17.39
N SER C 209 -12.65 22.09 -16.07
CA SER C 209 -11.62 21.31 -15.39
C SER C 209 -12.08 20.99 -13.98
N GLY C 210 -11.74 19.79 -13.51
CA GLY C 210 -12.17 19.33 -12.20
C GLY C 210 -11.53 20.12 -11.07
N VAL C 211 -12.29 20.38 -10.01
CA VAL C 211 -11.73 21.01 -8.83
C VAL C 211 -11.97 20.11 -7.64
N ASP C 212 -11.00 20.04 -6.72
CA ASP C 212 -11.18 19.17 -5.57
C ASP C 212 -12.04 19.88 -4.53
N ALA C 213 -13.25 19.33 -4.36
CA ALA C 213 -14.32 19.94 -3.60
C ALA C 213 -15.51 18.98 -3.57
N VAL C 214 -16.59 19.38 -2.91
CA VAL C 214 -17.82 18.60 -2.97
C VAL C 214 -19.02 19.54 -3.08
N ILE C 215 -20.11 19.03 -3.66
CA ILE C 215 -21.33 19.83 -3.76
C ILE C 215 -22.45 19.19 -2.93
N ASP C 216 -23.21 19.99 -2.18
CA ASP C 216 -24.37 19.42 -1.48
C ASP C 216 -25.33 18.79 -2.49
N LYS C 217 -25.74 17.55 -2.25
CA LYS C 217 -26.54 16.84 -3.25
C LYS C 217 -27.88 17.58 -3.47
N ASP C 218 -28.55 17.94 -2.37
CA ASP C 218 -29.83 18.63 -2.45
C ASP C 218 -29.78 19.92 -3.26
N LEU C 219 -28.93 20.88 -2.87
CA LEU C 219 -28.84 22.11 -3.66
C LEU C 219 -28.77 21.83 -5.17
N ALA C 220 -27.87 20.93 -5.56
CA ALA C 220 -27.74 20.53 -6.96
C ALA C 220 -29.03 19.87 -7.51
N THR C 221 -29.71 19.08 -6.68
CA THR C 221 -30.94 18.47 -7.14
C THR C 221 -32.00 19.56 -7.30
N SER C 222 -31.94 20.54 -6.41
CA SER C 222 -32.81 21.71 -6.55
C SER C 222 -32.49 22.42 -7.87
N LEU C 223 -31.22 22.79 -8.03
CA LEU C 223 -30.75 23.33 -9.29
C LEU C 223 -31.26 22.55 -10.52
N LEU C 224 -31.12 21.22 -10.50
CA LEU C 224 -31.54 20.43 -11.65
C LEU C 224 -33.05 20.54 -11.88
N ALA C 225 -33.83 20.33 -10.84
CA ALA C 225 -35.26 20.22 -11.02
C ALA C 225 -35.85 21.56 -11.46
N LYS C 226 -35.27 22.67 -11.00
CA LYS C 226 -35.84 23.94 -11.37
C LYS C 226 -35.52 24.29 -12.84
N THR C 227 -34.34 23.90 -13.28
CA THR C 227 -33.95 24.07 -14.68
C THR C 227 -34.79 23.12 -15.54
N LEU C 228 -35.03 21.92 -15.02
CA LEU C 228 -35.90 20.97 -15.65
C LEU C 228 -37.35 21.47 -15.64
N ASN C 229 -37.65 22.42 -14.77
CA ASN C 229 -39.02 22.88 -14.60
C ASN C 229 -39.93 21.68 -14.30
N SER C 230 -39.47 20.89 -13.34
CA SER C 230 -40.16 19.70 -12.88
C SER C 230 -41.47 20.07 -12.17
N ASP C 231 -42.37 19.09 -11.98
CA ASP C 231 -43.62 19.36 -11.29
C ASP C 231 -43.50 19.11 -9.80
N TYR C 232 -42.41 18.47 -9.40
CA TYR C 232 -42.16 18.23 -8.00
C TYR C 232 -40.69 18.06 -7.77
N LEU C 233 -40.28 18.38 -6.55
CA LEU C 233 -38.93 18.12 -6.06
C LEU C 233 -39.10 17.40 -4.74
N MET C 234 -38.55 16.21 -4.66
CA MET C 234 -38.67 15.41 -3.44
C MET C 234 -37.29 15.04 -2.86
N ILE C 235 -37.04 15.45 -1.62
CA ILE C 235 -35.84 15.01 -0.91
C ILE C 235 -36.23 13.86 0.01
N LEU C 236 -35.59 12.71 -0.11
CA LEU C 236 -35.96 11.60 0.75
C LEU C 236 -34.85 11.33 1.74
N THR C 237 -35.23 10.93 2.94
CA THR C 237 -34.24 10.83 4.00
C THR C 237 -34.58 9.71 5.00
N ASP C 238 -34.01 9.79 6.20
CA ASP C 238 -34.30 8.82 7.25
C ASP C 238 -35.33 9.39 8.25
N VAL C 239 -35.90 10.55 7.93
CA VAL C 239 -36.89 11.20 8.79
C VAL C 239 -38.23 11.47 8.06
N LEU C 240 -39.35 11.32 8.78
CA LEU C 240 -40.69 11.43 8.17
C LEU C 240 -41.19 12.86 7.93
N ASN C 241 -40.71 13.82 8.73
CA ASN C 241 -41.03 15.25 8.53
C ASN C 241 -39.85 16.17 8.88
N ALA C 242 -39.75 17.30 8.22
CA ALA C 242 -38.96 18.40 8.78
C ALA C 242 -39.66 18.87 10.07
N CYS C 243 -38.91 19.12 11.14
CA CYS C 243 -39.52 19.69 12.37
C CYS C 243 -38.99 21.06 12.75
N ILE C 244 -39.62 21.65 13.77
CA ILE C 244 -39.11 22.86 14.43
C ILE C 244 -39.07 22.61 15.92
N ASN C 245 -38.03 23.12 16.58
CA ASN C 245 -37.73 22.71 17.94
C ASN C 245 -37.48 21.21 17.88
N TYR C 246 -36.84 20.78 16.79
CA TYR C 246 -36.52 19.37 16.61
C TYR C 246 -35.82 18.85 17.86
N LYS C 247 -36.33 17.77 18.44
CA LYS C 247 -35.72 17.17 19.64
C LYS C 247 -35.91 18.00 20.94
N LYS C 248 -36.80 19.00 20.89
CA LYS C 248 -37.09 19.82 22.05
C LYS C 248 -38.54 19.54 22.44
N PRO C 249 -38.92 19.89 23.68
CA PRO C 249 -40.24 19.46 24.17
C PRO C 249 -41.41 19.96 23.32
N ASP C 250 -41.39 21.24 22.94
CA ASP C 250 -42.49 21.83 22.12
C ASP C 250 -42.28 21.57 20.62
N GLU C 251 -41.81 20.37 20.30
CA GLU C 251 -41.57 19.97 18.92
C GLU C 251 -42.84 20.13 18.09
N ARG C 252 -42.67 20.48 16.81
CA ARG C 252 -43.77 20.53 15.85
C ARG C 252 -43.28 19.88 14.57
N LYS C 253 -44.05 18.92 14.07
CA LYS C 253 -43.73 18.25 12.80
C LYS C 253 -44.37 19.06 11.67
N LEU C 254 -43.58 19.49 10.70
CA LEU C 254 -44.16 20.26 9.61
C LEU C 254 -44.86 19.33 8.63
N GLU C 255 -46.14 19.62 8.34
CA GLU C 255 -46.88 18.88 7.33
C GLU C 255 -46.99 19.71 6.04
N GLU C 256 -48.18 19.83 5.47
CA GLU C 256 -48.38 20.84 4.43
C GLU C 256 -48.10 22.21 5.05
N ILE C 257 -47.39 23.08 4.34
CA ILE C 257 -46.99 24.38 4.88
C ILE C 257 -46.62 25.41 3.78
N LYS C 258 -46.95 26.66 4.03
CA LYS C 258 -46.79 27.72 3.05
C LYS C 258 -45.35 28.16 2.92
N LEU C 259 -45.03 28.74 1.76
CA LEU C 259 -43.68 29.17 1.45
C LEU C 259 -43.21 30.26 2.42
N SER C 260 -44.14 31.14 2.79
CA SER C 260 -43.80 32.25 3.67
C SER C 260 -43.52 31.77 5.10
N GLU C 261 -44.32 30.83 5.57
CA GLU C 261 -44.19 30.31 6.94
C GLU C 261 -42.89 29.52 7.14
N ILE C 262 -42.47 28.77 6.12
CA ILE C 262 -41.24 27.99 6.20
C ILE C 262 -40.01 28.86 5.94
N LEU C 263 -40.20 29.90 5.14
CA LEU C 263 -39.10 30.83 4.86
C LEU C 263 -38.81 31.67 6.10
N ALA C 264 -39.80 31.77 7.00
CA ALA C 264 -39.61 32.48 8.26
C ALA C 264 -39.01 31.57 9.35
N LEU C 265 -39.54 30.36 9.48
CA LEU C 265 -38.98 29.35 10.38
C LEU C 265 -37.49 29.10 10.11
N GLU C 266 -37.08 29.20 8.84
CA GLU C 266 -35.67 29.03 8.49
C GLU C 266 -34.83 30.10 9.16
N LYS C 267 -35.41 31.30 9.34
CA LYS C 267 -34.74 32.43 9.98
C LYS C 267 -34.63 32.27 11.51
N ASP C 268 -35.66 31.74 12.14
CA ASP C 268 -35.57 31.38 13.56
C ASP C 268 -34.65 30.16 13.74
N GLY C 269 -34.09 29.69 12.63
CA GLY C 269 -32.97 28.78 12.63
C GLY C 269 -33.20 27.35 13.08
N HIS C 270 -34.35 26.78 12.73
CA HIS C 270 -34.69 25.44 13.20
C HIS C 270 -34.07 24.31 12.39
N PHE C 271 -33.35 24.65 11.32
CA PHE C 271 -32.83 23.64 10.42
C PHE C 271 -31.30 23.54 10.45
N ALA C 272 -30.80 22.44 11.04
CA ALA C 272 -29.37 22.25 11.31
C ALA C 272 -28.45 22.38 10.08
N ALA C 273 -27.28 22.98 10.28
CA ALA C 273 -26.40 23.46 9.20
C ALA C 273 -26.04 22.52 8.04
N GLY C 274 -25.82 21.23 8.34
CA GLY C 274 -25.38 20.29 7.32
C GLY C 274 -26.24 19.05 7.25
N SER C 275 -27.32 19.07 8.02
CA SER C 275 -28.34 18.02 7.97
C SER C 275 -29.59 18.61 7.33
N MET C 276 -30.49 19.18 8.13
CA MET C 276 -31.79 19.63 7.64
C MET C 276 -31.74 21.00 6.95
N GLY C 277 -30.77 21.82 7.37
CA GLY C 277 -30.58 23.13 6.78
C GLY C 277 -30.60 23.22 5.26
N PRO C 278 -29.63 22.56 4.60
CA PRO C 278 -29.56 22.60 3.13
C PRO C 278 -30.83 22.06 2.48
N LYS C 279 -31.37 20.95 2.99
CA LYS C 279 -32.57 20.33 2.40
C LYS C 279 -33.75 21.28 2.34
N VAL C 280 -33.99 21.98 3.44
CA VAL C 280 -35.01 23.03 3.45
C VAL C 280 -34.64 24.14 2.45
N ARG C 281 -33.39 24.58 2.49
CA ARG C 281 -32.93 25.62 1.55
C ARG C 281 -33.26 25.25 0.10
N ALA C 282 -32.94 24.01 -0.27
CA ALA C 282 -33.19 23.48 -1.61
C ALA C 282 -34.66 23.55 -2.03
N ALA C 283 -35.56 23.12 -1.14
CA ALA C 283 -37.00 23.10 -1.40
C ALA C 283 -37.62 24.49 -1.58
N ILE C 284 -37.33 25.39 -0.65
CA ILE C 284 -37.73 26.80 -0.78
C ILE C 284 -37.34 27.34 -2.15
N GLU C 285 -36.08 27.12 -2.52
CA GLU C 285 -35.61 27.63 -3.79
C GLU C 285 -36.36 27.06 -4.97
N PHE C 286 -36.63 25.76 -4.94
CA PHE C 286 -37.37 25.14 -6.04
C PHE C 286 -38.78 25.72 -6.15
N THR C 287 -39.50 25.70 -5.04
CA THR C 287 -40.88 26.16 -4.98
C THR C 287 -41.03 27.63 -5.39
N GLN C 288 -40.22 28.50 -4.77
CA GLN C 288 -40.11 29.90 -5.14
C GLN C 288 -40.07 30.12 -6.65
N ALA C 289 -39.03 29.55 -7.26
CA ALA C 289 -38.77 29.75 -8.69
C ALA C 289 -39.86 29.16 -9.57
N THR C 290 -40.37 28.00 -9.19
CA THR C 290 -41.30 27.25 -10.05
C THR C 290 -42.79 27.41 -9.65
N GLY C 291 -43.02 27.71 -8.37
CA GLY C 291 -44.37 27.68 -7.83
C GLY C 291 -44.84 26.25 -7.59
N LYS C 292 -43.92 25.30 -7.63
CA LYS C 292 -44.31 23.90 -7.49
C LYS C 292 -43.91 23.26 -6.16
N MET C 293 -44.63 22.19 -5.81
CA MET C 293 -44.44 21.57 -4.52
C MET C 293 -43.06 20.96 -4.38
N SER C 294 -42.49 21.13 -3.19
CA SER C 294 -41.27 20.52 -2.73
C SER C 294 -41.74 19.59 -1.64
N ILE C 295 -40.93 18.60 -1.31
CA ILE C 295 -41.32 17.62 -0.30
C ILE C 295 -40.07 17.09 0.38
N ILE C 296 -40.14 16.97 1.70
CA ILE C 296 -39.09 16.34 2.48
C ILE C 296 -39.75 15.20 3.26
N THR C 297 -39.28 13.97 3.07
CA THR C 297 -39.93 12.82 3.74
C THR C 297 -39.01 11.65 3.85
N SER C 298 -39.51 10.60 4.51
CA SER C 298 -38.78 9.33 4.56
C SER C 298 -38.89 8.61 3.21
N LEU C 299 -37.90 7.77 2.97
CA LEU C 299 -37.79 7.02 1.74
C LEU C 299 -38.91 5.98 1.57
N SER C 300 -39.45 5.48 2.66
CA SER C 300 -40.49 4.44 2.59
C SER C 300 -41.95 4.96 2.60
N THR C 301 -42.12 6.27 2.76
CA THR C 301 -43.42 6.87 2.54
C THR C 301 -43.29 7.96 1.51
N ALA C 302 -42.92 7.57 0.29
CA ALA C 302 -42.70 8.55 -0.75
C ALA C 302 -43.99 8.76 -1.55
N VAL C 303 -44.56 7.68 -2.08
CA VAL C 303 -45.85 7.79 -2.77
C VAL C 303 -46.85 8.54 -1.91
N ASP C 304 -46.94 8.14 -0.64
CA ASP C 304 -47.87 8.78 0.30
C ASP C 304 -47.77 10.31 0.30
N ALA C 305 -46.56 10.86 0.48
CA ALA C 305 -46.39 12.31 0.46
C ALA C 305 -46.69 12.88 -0.92
N LEU C 306 -46.52 12.05 -1.94
CA LEU C 306 -46.95 12.39 -3.29
C LEU C 306 -48.49 12.43 -3.38
N ASN C 307 -49.17 11.51 -2.70
CA ASN C 307 -50.64 11.52 -2.65
C ASN C 307 -51.20 12.47 -1.59
N GLY C 308 -50.34 13.24 -0.94
CA GLY C 308 -50.77 14.20 0.05
C GLY C 308 -51.20 13.62 1.38
N LYS C 309 -50.56 12.53 1.78
CA LYS C 309 -51.01 11.78 2.94
C LYS C 309 -50.08 11.92 4.14
N CYS C 310 -48.99 12.68 3.97
CA CYS C 310 -47.97 12.81 5.01
C CYS C 310 -46.75 13.50 4.43
N GLY C 311 -45.74 13.73 5.26
CA GLY C 311 -44.53 14.38 4.82
C GLY C 311 -44.64 15.89 4.88
N THR C 312 -43.50 16.57 4.95
CA THR C 312 -43.46 18.03 4.86
C THR C 312 -43.67 18.50 3.42
N ARG C 313 -44.79 19.16 3.14
CA ARG C 313 -45.01 19.64 1.77
C ARG C 313 -45.04 21.16 1.73
N ILE C 314 -44.05 21.75 1.06
CA ILE C 314 -43.96 23.19 0.94
C ILE C 314 -44.71 23.64 -0.28
N ILE C 315 -45.62 24.61 -0.08
CA ILE C 315 -46.49 25.12 -1.15
C ILE C 315 -46.25 26.61 -1.40
N LYS C 316 -46.81 27.10 -2.50
CA LYS C 316 -46.47 28.41 -3.04
C LYS C 316 -47.13 29.62 -2.38
N ASP C 317 -46.37 30.72 -2.42
CA ASP C 317 -46.82 32.08 -2.13
C ASP C 317 -46.23 32.91 -3.26
N MET D 2 -27.85 17.90 -37.53
CA MET D 2 -27.11 16.63 -37.59
C MET D 2 -27.98 15.35 -37.55
N SER D 3 -29.29 15.50 -37.70
CA SER D 3 -30.18 14.33 -37.72
C SER D 3 -29.95 13.55 -39.01
N ALA D 4 -29.10 14.09 -39.88
CA ALA D 4 -28.90 13.53 -41.21
C ALA D 4 -27.74 12.54 -41.28
N GLY D 5 -26.83 12.62 -40.30
CA GLY D 5 -25.61 11.86 -40.36
C GLY D 5 -25.77 10.36 -40.19
N LYS D 6 -24.96 9.60 -40.93
CA LYS D 6 -24.77 8.16 -40.69
C LYS D 6 -24.13 7.94 -39.31
N THR D 7 -24.26 6.73 -38.79
CA THR D 7 -23.75 6.44 -37.46
C THR D 7 -22.48 5.64 -37.52
N VAL D 8 -21.47 6.06 -36.77
CA VAL D 8 -20.28 5.22 -36.64
C VAL D 8 -19.96 4.94 -35.18
N VAL D 9 -19.84 3.65 -34.88
CA VAL D 9 -19.49 3.20 -33.55
C VAL D 9 -17.97 3.03 -33.40
N ILE D 10 -17.37 3.88 -32.59
CA ILE D 10 -15.93 3.93 -32.48
C ILE D 10 -15.43 3.37 -31.16
N ALA D 11 -14.64 2.31 -31.22
CA ALA D 11 -14.02 1.76 -30.00
C ALA D 11 -12.59 2.27 -29.79
N LEU D 12 -12.37 3.04 -28.74
CA LEU D 12 -11.03 3.51 -28.43
C LEU D 12 -10.17 2.39 -27.82
N GLY D 13 -8.88 2.41 -28.13
CA GLY D 13 -7.94 1.46 -27.57
C GLY D 13 -7.14 2.02 -26.41
N GLY D 14 -6.13 1.28 -25.95
CA GLY D 14 -5.36 1.71 -24.80
C GLY D 14 -4.76 3.11 -24.94
N ASN D 15 -4.32 3.47 -26.14
CA ASN D 15 -3.57 4.72 -26.30
C ASN D 15 -4.41 5.98 -26.21
N ALA D 16 -5.70 5.80 -25.91
CA ALA D 16 -6.63 6.91 -25.78
C ALA D 16 -6.27 7.62 -24.49
N MET D 17 -5.64 6.87 -23.60
CA MET D 17 -5.28 7.34 -22.25
C MET D 17 -3.80 7.10 -21.89
N LEU D 18 -3.20 6.09 -22.50
CA LEU D 18 -1.81 5.75 -22.15
C LEU D 18 -0.88 5.46 -23.37
N GLN D 19 0.19 6.25 -23.45
CA GLN D 19 1.27 5.98 -24.38
C GLN D 19 2.26 4.98 -23.78
N ALA D 20 3.12 4.41 -24.62
CA ALA D 20 4.08 3.38 -24.20
C ALA D 20 4.88 3.75 -22.95
N LYS D 21 4.97 2.81 -22.02
CA LYS D 21 5.74 2.97 -20.78
C LYS D 21 5.36 4.22 -19.97
N GLU D 22 4.12 4.67 -20.11
CA GLU D 22 3.60 5.85 -19.39
C GLU D 22 2.90 5.47 -18.07
N LYS D 23 2.91 6.38 -17.10
CA LYS D 23 2.33 6.10 -15.79
C LYS D 23 0.86 6.55 -15.60
N GLY D 24 0.04 5.60 -15.14
CA GLY D 24 -1.39 5.78 -15.04
C GLY D 24 -1.90 6.77 -14.01
N ASP D 25 -1.29 7.95 -13.99
CA ASP D 25 -1.78 9.01 -13.10
C ASP D 25 -2.75 9.97 -13.85
N TYR D 26 -3.60 10.64 -13.09
CA TYR D 26 -4.62 11.52 -13.66
C TYR D 26 -4.13 12.45 -14.76
N ASP D 27 -3.26 13.42 -14.42
CA ASP D 27 -2.91 14.47 -15.40
C ASP D 27 -2.41 13.86 -16.71
N THR D 28 -1.60 12.81 -16.60
CA THR D 28 -1.10 12.09 -17.76
C THR D 28 -2.18 11.44 -18.64
N GLN D 29 -3.19 10.81 -18.02
CA GLN D 29 -4.30 10.23 -18.79
C GLN D 29 -5.25 11.32 -19.34
N ARG D 30 -5.51 12.35 -18.55
CA ARG D 30 -6.34 13.45 -19.03
C ARG D 30 -5.89 13.89 -20.42
N LYS D 31 -4.68 14.42 -20.50
CA LYS D 31 -4.24 15.06 -21.73
C LYS D 31 -4.05 14.09 -22.89
N ASN D 32 -4.02 12.79 -22.60
CA ASN D 32 -4.05 11.80 -23.68
C ASN D 32 -5.42 11.70 -24.28
N VAL D 33 -6.42 11.78 -23.41
CA VAL D 33 -7.80 11.74 -23.83
C VAL D 33 -8.12 13.00 -24.64
N GLU D 34 -7.64 14.16 -24.19
CA GLU D 34 -7.72 15.39 -25.00
C GLU D 34 -7.34 15.14 -26.45
N ILE D 35 -6.19 14.51 -26.66
CA ILE D 35 -5.72 14.24 -28.01
C ILE D 35 -6.70 13.36 -28.80
N ALA D 36 -7.28 12.36 -28.16
CA ALA D 36 -8.28 11.56 -28.88
C ALA D 36 -9.48 12.45 -29.20
N ALA D 37 -10.01 13.13 -28.19
CA ALA D 37 -11.14 14.05 -28.40
C ALA D 37 -11.04 14.93 -29.66
N SER D 38 -9.89 15.57 -29.90
CA SER D 38 -9.74 16.37 -31.12
C SER D 38 -9.98 15.53 -32.35
N GLU D 39 -9.39 14.35 -32.38
CA GLU D 39 -9.63 13.41 -33.46
C GLU D 39 -11.13 13.09 -33.60
N ILE D 40 -11.77 12.75 -32.48
CA ILE D 40 -13.18 12.42 -32.55
C ILE D 40 -14.02 13.62 -32.98
N TYR D 41 -13.64 14.81 -32.53
CA TYR D 41 -14.40 15.97 -32.94
C TYR D 41 -14.42 16.06 -34.46
N LYS D 42 -13.28 15.81 -35.09
CA LYS D 42 -13.16 15.84 -36.54
C LYS D 42 -14.24 14.99 -37.21
N ILE D 43 -14.52 13.83 -36.62
CA ILE D 43 -15.56 12.95 -37.15
C ILE D 43 -16.95 13.55 -36.92
N HIS D 44 -17.22 13.99 -35.69
CA HIS D 44 -18.48 14.66 -35.39
C HIS D 44 -18.71 15.85 -36.33
N LYS D 45 -17.69 16.71 -36.46
CA LYS D 45 -17.77 17.88 -37.33
C LYS D 45 -17.94 17.53 -38.82
N ALA D 46 -17.42 16.37 -39.23
CA ALA D 46 -17.61 15.89 -40.60
C ALA D 46 -19.09 15.57 -40.80
N GLY D 47 -19.82 15.48 -39.69
CA GLY D 47 -21.27 15.34 -39.72
C GLY D 47 -21.79 13.96 -39.33
N TYR D 48 -20.90 13.06 -38.92
CA TYR D 48 -21.36 11.73 -38.53
C TYR D 48 -21.93 11.77 -37.14
N LYS D 49 -22.78 10.80 -36.82
CA LYS D 49 -23.28 10.63 -35.47
C LYS D 49 -22.41 9.63 -34.75
N VAL D 50 -21.94 9.97 -33.56
CA VAL D 50 -20.93 9.12 -32.93
C VAL D 50 -21.34 8.47 -31.61
N VAL D 51 -21.02 7.19 -31.51
CA VAL D 51 -21.00 6.47 -30.25
C VAL D 51 -19.52 6.26 -29.88
N LEU D 52 -19.13 6.63 -28.66
CA LEU D 52 -17.73 6.41 -28.23
C LEU D 52 -17.63 5.22 -27.29
N THR D 53 -16.64 4.39 -27.51
CA THR D 53 -16.42 3.23 -26.64
C THR D 53 -14.98 3.23 -26.17
N SER D 54 -14.67 2.42 -25.16
CA SER D 54 -13.27 2.32 -24.73
C SER D 54 -12.85 0.94 -24.23
N GLY D 55 -11.56 0.82 -23.92
CA GLY D 55 -11.04 -0.23 -23.08
C GLY D 55 -10.83 0.34 -21.68
N ASN D 56 -10.49 -0.53 -20.72
CA ASN D 56 -10.30 -0.09 -19.33
C ASN D 56 -9.16 -0.80 -18.62
N GLY D 57 -8.48 -1.70 -19.33
CA GLY D 57 -7.51 -2.62 -18.73
C GLY D 57 -6.63 -2.07 -17.63
N PRO D 58 -5.82 -1.06 -17.94
CA PRO D 58 -4.96 -0.44 -16.94
C PRO D 58 -5.75 0.36 -15.90
N GLN D 59 -6.93 0.83 -16.29
CA GLN D 59 -7.74 1.64 -15.37
C GLN D 59 -8.48 0.75 -14.36
N VAL D 60 -9.21 -0.26 -14.84
CA VAL D 60 -9.80 -1.20 -13.90
C VAL D 60 -8.70 -1.94 -13.14
N GLY D 61 -7.51 -1.99 -13.74
CA GLY D 61 -6.37 -2.65 -13.13
C GLY D 61 -5.89 -1.88 -11.94
N ALA D 62 -5.71 -0.57 -12.12
CA ALA D 62 -5.27 0.28 -11.05
C ALA D 62 -6.32 0.36 -9.92
N ILE D 63 -7.60 0.21 -10.27
CA ILE D 63 -8.63 0.19 -9.24
C ILE D 63 -8.50 -1.05 -8.38
N LYS D 64 -8.70 -2.22 -8.99
CA LYS D 64 -8.67 -3.49 -8.25
C LYS D 64 -7.42 -3.61 -7.36
N LEU D 65 -6.30 -3.09 -7.87
CA LEU D 65 -5.03 -3.08 -7.16
C LEU D 65 -5.08 -2.10 -5.98
N GLN D 66 -5.99 -1.13 -6.03
CA GLN D 66 -6.10 -0.17 -4.93
C GLN D 66 -7.00 -0.72 -3.84
N ASN D 67 -7.92 -1.59 -4.25
CA ASN D 67 -8.89 -2.13 -3.31
C ASN D 67 -8.26 -3.10 -2.35
N GLN D 68 -7.27 -3.86 -2.84
CA GLN D 68 -6.55 -4.84 -2.03
C GLN D 68 -5.41 -4.17 -1.29
N ALA D 69 -4.75 -3.24 -1.95
CA ALA D 69 -3.73 -2.43 -1.30
C ALA D 69 -4.32 -1.82 -0.03
N ALA D 70 -5.62 -1.55 -0.02
CA ALA D 70 -6.24 -0.95 1.17
C ALA D 70 -7.33 -1.78 1.86
N ALA D 71 -7.48 -3.04 1.48
CA ALA D 71 -8.42 -3.93 2.15
C ALA D 71 -8.23 -4.02 3.68
N GLY D 72 -7.59 -3.02 4.27
CA GLY D 72 -7.36 -3.02 5.69
C GLY D 72 -7.80 -1.71 6.32
N VAL D 73 -8.07 -0.73 5.48
CA VAL D 73 -8.65 0.50 5.98
C VAL D 73 -10.09 0.64 5.43
N SER D 74 -10.32 0.01 4.28
CA SER D 74 -11.53 0.20 3.51
C SER D 74 -11.96 -1.14 2.92
N PRO D 75 -13.26 -1.44 3.00
CA PRO D 75 -13.79 -2.70 2.46
C PRO D 75 -13.48 -2.84 0.96
N GLU D 76 -13.25 -4.07 0.51
CA GLU D 76 -12.73 -4.30 -0.83
C GLU D 76 -13.82 -4.68 -1.83
N MET D 77 -13.91 -3.94 -2.93
CA MET D 77 -14.98 -4.16 -3.92
C MET D 77 -14.53 -5.20 -4.93
N PRO D 78 -15.48 -5.96 -5.49
CA PRO D 78 -15.15 -7.03 -6.44
C PRO D 78 -14.70 -6.47 -7.81
N LEU D 79 -14.54 -7.34 -8.79
CA LEU D 79 -14.08 -6.87 -10.08
C LEU D 79 -15.17 -6.03 -10.75
N HIS D 80 -16.35 -6.62 -10.90
CA HIS D 80 -17.42 -5.92 -11.59
C HIS D 80 -17.62 -4.48 -11.06
N VAL D 81 -17.73 -4.31 -9.75
CA VAL D 81 -17.89 -2.97 -9.20
C VAL D 81 -16.67 -2.08 -9.51
N CYS D 82 -15.50 -2.71 -9.60
CA CYS D 82 -14.27 -1.98 -9.88
C CYS D 82 -14.36 -1.39 -11.27
N GLY D 83 -14.95 -2.18 -12.18
CA GLY D 83 -15.15 -1.74 -13.56
C GLY D 83 -16.18 -0.62 -13.66
N ALA D 84 -17.17 -0.67 -12.77
CA ALA D 84 -18.16 0.39 -12.66
C ALA D 84 -17.47 1.71 -12.28
N MET D 85 -16.51 1.61 -11.37
CA MET D 85 -15.68 2.75 -10.99
C MET D 85 -14.84 3.24 -12.16
N SER D 86 -14.33 2.29 -12.95
CA SER D 86 -13.47 2.64 -14.10
C SER D 86 -14.31 3.37 -15.15
N GLN D 87 -15.59 2.98 -15.23
CA GLN D 87 -16.55 3.62 -16.12
C GLN D 87 -16.87 5.04 -15.71
N GLY D 88 -17.04 5.28 -14.41
CA GLY D 88 -17.31 6.63 -13.95
C GLY D 88 -16.18 7.54 -14.39
N PHE D 89 -14.97 7.10 -14.04
CA PHE D 89 -13.74 7.84 -14.21
C PHE D 89 -13.37 8.00 -15.68
N ILE D 90 -13.45 6.91 -16.42
CA ILE D 90 -13.08 7.00 -17.84
C ILE D 90 -14.05 7.94 -18.56
N GLY D 91 -15.33 7.59 -18.54
CA GLY D 91 -16.37 8.41 -19.11
C GLY D 91 -16.26 9.83 -18.63
N TYR D 92 -15.89 10.04 -17.38
CA TYR D 92 -15.74 11.43 -16.92
C TYR D 92 -14.65 12.18 -17.73
N MET D 93 -13.51 11.54 -17.96
CA MET D 93 -12.44 12.17 -18.74
C MET D 93 -12.83 12.44 -20.20
N MET D 94 -13.35 11.41 -20.87
CA MET D 94 -13.85 11.54 -22.23
C MET D 94 -14.89 12.66 -22.32
N SER D 95 -15.88 12.57 -21.42
CA SER D 95 -16.97 13.52 -21.33
C SER D 95 -16.47 14.96 -21.36
N GLN D 96 -15.68 15.31 -20.36
CA GLN D 96 -15.15 16.65 -20.22
C GLN D 96 -14.30 17.09 -21.43
N ALA D 97 -13.38 16.24 -21.89
CA ALA D 97 -12.57 16.61 -23.06
C ALA D 97 -13.45 16.85 -24.30
N MET D 98 -14.31 15.89 -24.60
CA MET D 98 -15.27 16.07 -25.69
C MET D 98 -16.01 17.40 -25.54
N ASP D 99 -16.56 17.67 -24.35
CA ASP D 99 -17.20 18.95 -24.04
C ASP D 99 -16.26 20.10 -24.31
N ASN D 100 -14.99 19.96 -23.92
CA ASN D 100 -14.00 21.04 -24.05
C ASN D 100 -13.62 21.35 -25.49
N VAL D 101 -13.60 20.33 -26.33
CA VAL D 101 -13.27 20.54 -27.74
C VAL D 101 -14.49 21.09 -28.50
N PHE D 102 -15.68 20.92 -27.94
CA PHE D 102 -16.90 21.44 -28.53
C PHE D 102 -16.96 22.92 -28.28
N CYS D 103 -16.37 23.30 -27.16
CA CYS D 103 -16.40 24.67 -26.72
C CYS D 103 -15.31 25.43 -27.46
N ALA D 104 -14.19 24.76 -27.70
CA ALA D 104 -13.10 25.43 -28.39
C ALA D 104 -13.55 25.75 -29.80
N ASN D 105 -14.37 24.85 -30.36
CA ASN D 105 -14.98 25.03 -31.68
C ASN D 105 -16.30 25.79 -31.62
N ASN D 106 -16.56 26.43 -30.47
CA ASN D 106 -17.72 27.31 -30.32
C ASN D 106 -19.07 26.69 -30.68
N GLU D 107 -19.19 25.38 -30.50
CA GLU D 107 -20.49 24.71 -30.62
C GLU D 107 -20.90 24.20 -29.21
N PRO D 108 -22.21 24.25 -28.90
CA PRO D 108 -22.69 23.90 -27.54
C PRO D 108 -22.60 22.41 -27.23
N ALA D 109 -22.17 22.06 -26.02
CA ALA D 109 -21.91 20.66 -25.69
C ALA D 109 -23.19 19.83 -25.69
N ASN D 110 -23.09 18.64 -26.26
CA ASN D 110 -24.19 17.69 -26.32
C ASN D 110 -23.58 16.29 -26.29
N CYS D 111 -23.21 15.85 -25.09
CA CYS D 111 -22.43 14.64 -24.92
C CYS D 111 -22.64 14.02 -23.54
N VAL D 112 -22.58 12.70 -23.48
CA VAL D 112 -22.91 12.04 -22.25
C VAL D 112 -22.29 10.67 -22.13
N THR D 113 -21.91 10.34 -20.89
CA THR D 113 -21.48 8.99 -20.62
C THR D 113 -22.58 8.26 -19.91
N CYS D 114 -22.94 7.10 -20.43
CA CYS D 114 -23.90 6.24 -19.76
C CYS D 114 -23.15 5.09 -19.11
N VAL D 115 -23.37 4.89 -17.81
CA VAL D 115 -22.91 3.69 -17.12
C VAL D 115 -23.52 2.48 -17.83
N THR D 116 -22.71 1.50 -18.20
CA THR D 116 -23.22 0.38 -19.00
C THR D 116 -23.07 -1.01 -18.42
N GLN D 117 -24.11 -1.83 -18.59
CA GLN D 117 -24.01 -3.23 -18.20
C GLN D 117 -24.06 -4.11 -19.43
N THR D 118 -23.34 -5.22 -19.38
CA THR D 118 -23.29 -6.17 -20.50
C THR D 118 -23.47 -7.61 -20.01
N LEU D 119 -24.61 -8.19 -20.35
CA LEU D 119 -24.88 -9.58 -19.98
C LEU D 119 -23.92 -10.58 -20.65
N VAL D 120 -23.60 -11.64 -19.92
CA VAL D 120 -22.81 -12.75 -20.45
C VAL D 120 -23.47 -14.06 -20.02
N ASP D 121 -23.11 -15.16 -20.69
CA ASP D 121 -23.53 -16.49 -20.24
C ASP D 121 -22.64 -16.91 -19.05
N PRO D 122 -23.27 -17.30 -17.92
CA PRO D 122 -22.54 -17.59 -16.69
C PRO D 122 -21.73 -18.90 -16.74
N LYS D 123 -21.90 -19.67 -17.81
CA LYS D 123 -21.01 -20.81 -18.04
C LYS D 123 -20.35 -20.77 -19.43
N ASP D 124 -20.01 -19.56 -19.83
CA ASP D 124 -18.99 -19.33 -20.85
C ASP D 124 -17.76 -20.11 -20.39
N GLN D 125 -17.02 -20.68 -21.32
CA GLN D 125 -15.86 -21.45 -20.91
C GLN D 125 -14.82 -20.58 -20.17
N ALA D 126 -14.93 -19.26 -20.35
CA ALA D 126 -14.04 -18.32 -19.66
C ALA D 126 -14.07 -18.51 -18.14
N PHE D 127 -15.22 -18.94 -17.62
CA PHE D 127 -15.34 -19.22 -16.20
C PHE D 127 -14.82 -20.60 -15.81
N THR D 128 -14.65 -21.49 -16.77
CA THR D 128 -13.94 -22.73 -16.46
C THR D 128 -12.45 -22.44 -16.49
N ASN D 129 -12.09 -21.49 -17.34
CA ASN D 129 -10.70 -21.34 -17.75
C ASN D 129 -10.17 -19.91 -17.76
N PRO D 130 -10.18 -19.27 -16.57
CA PRO D 130 -9.77 -17.87 -16.37
C PRO D 130 -8.38 -17.56 -16.90
N THR D 131 -8.26 -16.51 -17.71
CA THR D 131 -6.97 -16.05 -18.20
C THR D 131 -6.37 -14.85 -17.43
N LYS D 132 -7.13 -13.76 -17.37
CA LYS D 132 -6.54 -12.45 -17.08
C LYS D 132 -6.18 -12.18 -15.62
N PRO D 133 -4.89 -11.84 -15.38
CA PRO D 133 -4.29 -11.53 -14.07
C PRO D 133 -4.78 -10.20 -13.52
N VAL D 134 -4.98 -10.13 -12.20
CA VAL D 134 -5.55 -8.94 -11.57
C VAL D 134 -5.17 -8.85 -10.08
N GLY D 135 -4.91 -7.63 -9.60
CA GLY D 135 -4.68 -7.43 -8.19
C GLY D 135 -3.24 -7.59 -7.71
N ARG D 136 -3.08 -7.87 -6.41
CA ARG D 136 -1.78 -7.78 -5.77
C ARG D 136 -0.98 -9.10 -5.77
N PHE D 137 0.35 -9.00 -5.68
CA PHE D 137 1.25 -10.14 -5.88
C PHE D 137 1.56 -10.93 -4.61
N TYR D 138 1.70 -12.25 -4.75
CA TYR D 138 2.06 -13.15 -3.66
C TYR D 138 3.29 -13.95 -4.03
N THR D 139 3.88 -14.64 -3.06
CA THR D 139 4.90 -15.65 -3.35
C THR D 139 4.23 -17.03 -3.33
N GLU D 140 4.85 -18.02 -3.97
CA GLU D 140 4.20 -19.32 -4.15
C GLU D 140 3.48 -19.88 -2.93
N GLN D 141 4.01 -19.76 -1.71
CA GLN D 141 3.29 -20.33 -0.55
C GLN D 141 2.08 -19.51 -0.05
N GLU D 142 2.02 -18.24 -0.43
CA GLU D 142 0.89 -17.42 0.02
C GLU D 142 -0.22 -17.44 -1.03
N ALA D 143 0.18 -17.81 -2.23
CA ALA D 143 -0.73 -18.02 -3.36
C ALA D 143 -1.45 -19.38 -3.28
N LYS D 144 -0.76 -20.40 -2.78
CA LYS D 144 -1.30 -21.77 -2.73
C LYS D 144 -1.94 -22.17 -1.39
N ASP D 145 -1.85 -21.29 -0.39
CA ASP D 145 -2.58 -21.46 0.87
C ASP D 145 -3.93 -20.75 0.76
N LEU D 146 -4.01 -19.79 -0.18
CA LEU D 146 -5.28 -19.13 -0.52
C LEU D 146 -6.11 -20.05 -1.42
N MET D 147 -5.48 -20.60 -2.45
CA MET D 147 -6.15 -21.54 -3.33
C MET D 147 -6.69 -22.74 -2.53
N ALA D 148 -6.30 -22.85 -1.27
CA ALA D 148 -6.74 -23.95 -0.42
C ALA D 148 -7.76 -23.51 0.66
N ALA D 149 -7.50 -22.37 1.28
CA ALA D 149 -8.33 -21.89 2.38
C ALA D 149 -9.62 -21.19 1.88
N ASN D 150 -9.54 -20.62 0.68
CA ASN D 150 -10.71 -20.11 -0.03
C ASN D 150 -10.81 -20.81 -1.38
N PRO D 151 -11.14 -22.13 -1.35
CA PRO D 151 -10.99 -23.07 -2.47
C PRO D 151 -11.77 -22.66 -3.71
N GLY D 152 -11.07 -22.16 -4.71
CA GLY D 152 -11.73 -21.73 -5.93
C GLY D 152 -11.63 -20.26 -6.28
N LYS D 153 -10.52 -19.65 -5.88
CA LYS D 153 -10.00 -18.50 -6.61
C LYS D 153 -8.78 -19.16 -7.22
N ILE D 154 -8.23 -18.61 -8.29
CA ILE D 154 -7.05 -19.26 -8.85
C ILE D 154 -5.90 -18.27 -8.93
N LEU D 155 -4.73 -18.74 -8.53
CA LEU D 155 -3.52 -17.95 -8.67
C LEU D 155 -2.65 -18.57 -9.74
N ARG D 156 -1.93 -17.72 -10.46
CA ARG D 156 -0.88 -18.17 -11.37
C ARG D 156 0.30 -17.23 -11.21
N GLU D 157 1.48 -17.64 -11.64
CA GLU D 157 2.65 -16.76 -11.60
C GLU D 157 2.67 -15.91 -12.89
N ASP D 158 2.60 -14.59 -12.70
CA ASP D 158 2.23 -13.68 -13.78
C ASP D 158 3.42 -13.22 -14.61
N ALA D 159 3.92 -14.12 -15.47
CA ALA D 159 5.05 -13.78 -16.33
C ALA D 159 6.14 -13.04 -15.52
N GLY D 160 6.59 -13.67 -14.44
CA GLY D 160 7.64 -13.08 -13.61
C GLY D 160 7.27 -12.69 -12.19
N ARG D 161 7.01 -11.40 -12.01
CA ARG D 161 7.01 -10.75 -10.70
C ARG D 161 6.05 -11.25 -9.59
N GLY D 162 5.69 -12.54 -9.60
CA GLY D 162 4.91 -13.08 -8.50
C GLY D 162 3.59 -13.73 -8.91
N TRP D 163 2.77 -14.10 -7.94
CA TRP D 163 1.49 -14.77 -8.22
C TRP D 163 0.31 -13.81 -8.27
N ARG D 164 -0.74 -14.18 -9.00
CA ARG D 164 -1.90 -13.29 -9.19
C ARG D 164 -3.17 -14.02 -9.62
N VAL D 165 -4.30 -13.61 -9.04
CA VAL D 165 -5.60 -14.18 -9.40
C VAL D 165 -5.91 -13.98 -10.89
N VAL D 166 -6.85 -14.76 -11.43
CA VAL D 166 -7.11 -14.76 -12.87
C VAL D 166 -8.61 -14.66 -13.21
N VAL D 167 -8.94 -13.92 -14.26
CA VAL D 167 -10.34 -13.58 -14.55
C VAL D 167 -10.82 -13.97 -15.96
N PRO D 168 -12.05 -14.47 -16.05
CA PRO D 168 -12.67 -14.86 -17.31
C PRO D 168 -12.87 -13.67 -18.23
N SER D 169 -12.69 -13.90 -19.53
CA SER D 169 -13.05 -12.93 -20.56
C SER D 169 -14.13 -13.56 -21.43
N PRO D 170 -15.36 -13.65 -20.89
CA PRO D 170 -16.52 -14.27 -21.55
C PRO D 170 -17.06 -13.40 -22.66
N ARG D 171 -17.82 -14.03 -23.53
CA ARG D 171 -18.41 -13.39 -24.69
C ARG D 171 -19.57 -12.49 -24.26
N PRO D 172 -19.69 -11.30 -24.92
CA PRO D 172 -20.78 -10.32 -24.75
C PRO D 172 -22.09 -10.82 -25.37
N LEU D 173 -23.17 -10.82 -24.59
CA LEU D 173 -24.44 -11.28 -25.13
C LEU D 173 -25.46 -10.18 -25.37
N GLU D 174 -25.46 -9.16 -24.53
CA GLU D 174 -26.44 -8.10 -24.67
C GLU D 174 -26.00 -6.85 -23.92
N ILE D 175 -26.15 -5.69 -24.57
CA ILE D 175 -25.97 -4.41 -23.86
C ILE D 175 -27.30 -3.98 -23.23
N VAL D 176 -27.36 -3.99 -21.89
CA VAL D 176 -28.61 -3.69 -21.23
C VAL D 176 -29.12 -2.32 -21.62
N GLU D 177 -28.25 -1.31 -21.53
CA GLU D 177 -28.66 0.08 -21.82
C GLU D 177 -28.92 0.34 -23.30
N TYR D 178 -28.98 -0.71 -24.13
CA TYR D 178 -29.10 -0.51 -25.57
C TYR D 178 -30.23 0.44 -26.01
N GLY D 179 -31.43 0.23 -25.47
CA GLY D 179 -32.58 1.01 -25.88
C GLY D 179 -32.39 2.52 -25.67
N VAL D 180 -31.59 2.87 -24.68
CA VAL D 180 -31.40 4.27 -24.31
C VAL D 180 -30.32 4.90 -25.15
N ILE D 181 -29.27 4.13 -25.41
CA ILE D 181 -28.25 4.56 -26.34
C ILE D 181 -28.92 4.85 -27.68
N LYS D 182 -29.70 3.91 -28.19
CA LYS D 182 -30.40 4.16 -29.44
C LYS D 182 -31.19 5.48 -29.40
N THR D 183 -32.10 5.59 -28.42
CA THR D 183 -32.82 6.82 -28.18
C THR D 183 -31.88 8.05 -28.17
N LEU D 184 -30.75 7.93 -27.48
CA LEU D 184 -29.84 9.06 -27.34
C LEU D 184 -29.23 9.48 -28.68
N ILE D 185 -28.94 8.53 -29.53
CA ILE D 185 -28.41 8.93 -30.83
C ILE D 185 -29.50 9.32 -31.83
N ASP D 186 -30.72 8.82 -31.66
CA ASP D 186 -31.82 9.28 -32.52
C ASP D 186 -32.05 10.76 -32.29
N ASN D 187 -31.60 11.24 -31.15
CA ASN D 187 -31.71 12.64 -30.81
C ASN D 187 -30.39 13.36 -31.05
N ASN D 188 -29.44 12.64 -31.64
CA ASN D 188 -28.18 13.23 -32.08
C ASN D 188 -27.31 13.65 -30.89
N VAL D 189 -27.38 12.87 -29.83
CA VAL D 189 -26.42 13.04 -28.76
C VAL D 189 -25.12 12.25 -29.05
N LEU D 190 -23.99 12.87 -28.72
CA LEU D 190 -22.69 12.20 -28.75
C LEU D 190 -22.55 11.29 -27.52
N VAL D 191 -22.74 9.99 -27.72
CA VAL D 191 -22.89 9.04 -26.62
C VAL D 191 -21.62 8.26 -26.33
N ILE D 192 -21.18 8.34 -25.07
CA ILE D 192 -20.00 7.62 -24.59
C ILE D 192 -20.49 6.43 -23.76
N CYS D 193 -19.99 5.22 -24.02
CA CYS D 193 -20.48 4.08 -23.27
C CYS D 193 -19.79 2.76 -23.58
N THR D 194 -20.14 1.75 -22.80
CA THR D 194 -19.46 0.46 -22.88
C THR D 194 -17.95 0.60 -22.64
N ASN D 195 -17.54 1.72 -22.04
CA ASN D 195 -16.18 1.87 -21.59
C ASN D 195 -15.71 0.62 -20.84
N GLY D 196 -14.61 0.04 -21.30
CA GLY D 196 -14.12 -1.22 -20.74
C GLY D 196 -14.90 -2.44 -21.21
N GLY D 197 -16.01 -2.23 -21.92
CA GLY D 197 -16.75 -3.32 -22.50
C GLY D 197 -18.07 -3.52 -21.80
N GLY D 198 -18.27 -2.77 -20.72
CA GLY D 198 -19.48 -2.88 -19.92
C GLY D 198 -19.23 -3.69 -18.67
N ILE D 199 -19.79 -3.26 -17.54
CA ILE D 199 -19.81 -4.08 -16.33
C ILE D 199 -20.40 -5.45 -16.65
N PRO D 200 -19.58 -6.51 -16.59
CA PRO D 200 -20.14 -7.83 -16.89
C PRO D 200 -21.25 -8.19 -15.88
N CYS D 201 -22.32 -8.79 -16.40
CA CYS D 201 -23.44 -9.24 -15.57
C CYS D 201 -24.04 -10.51 -16.15
N LYS D 202 -24.92 -11.15 -15.39
CA LYS D 202 -25.74 -12.25 -15.90
C LYS D 202 -27.16 -12.12 -15.38
N ARG D 203 -28.14 -12.62 -16.13
CA ARG D 203 -29.54 -12.59 -15.68
C ARG D 203 -30.13 -14.00 -15.38
N GLU D 204 -30.50 -14.23 -14.12
CA GLU D 204 -31.03 -15.53 -13.67
C GLU D 204 -32.38 -15.36 -12.97
N ASN D 205 -33.44 -15.89 -13.57
CA ASN D 205 -34.79 -15.71 -13.05
C ASN D 205 -35.05 -14.23 -12.84
N LYS D 206 -35.06 -13.48 -13.95
CA LYS D 206 -35.43 -12.06 -13.91
C LYS D 206 -34.55 -11.20 -12.99
N VAL D 207 -33.34 -11.66 -12.67
CA VAL D 207 -32.46 -10.87 -11.81
C VAL D 207 -31.01 -10.74 -12.31
N ILE D 208 -30.56 -9.49 -12.45
CA ILE D 208 -29.21 -9.21 -12.92
C ILE D 208 -28.29 -8.98 -11.73
N SER D 209 -27.13 -9.62 -11.79
CA SER D 209 -26.11 -9.42 -10.81
C SER D 209 -24.79 -9.34 -11.56
N GLY D 210 -23.76 -8.83 -10.89
CA GLY D 210 -22.47 -8.72 -11.53
C GLY D 210 -21.61 -9.94 -11.25
N VAL D 211 -20.90 -10.37 -12.27
CA VAL D 211 -19.95 -11.46 -12.13
C VAL D 211 -18.55 -10.88 -12.27
N ASP D 212 -17.56 -11.53 -11.65
CA ASP D 212 -16.21 -10.99 -11.63
C ASP D 212 -15.45 -11.34 -12.91
N ALA D 213 -15.58 -10.50 -13.92
CA ALA D 213 -14.95 -10.74 -15.22
C ALA D 213 -14.62 -9.43 -15.93
N VAL D 214 -13.86 -9.52 -17.03
CA VAL D 214 -13.75 -8.41 -17.97
C VAL D 214 -14.18 -8.90 -19.34
N ILE D 215 -14.89 -8.04 -20.06
CA ILE D 215 -15.33 -8.34 -21.40
C ILE D 215 -14.39 -7.66 -22.40
N ASP D 216 -14.12 -8.32 -23.52
CA ASP D 216 -13.34 -7.68 -24.58
C ASP D 216 -14.09 -6.47 -25.09
N LYS D 217 -13.49 -5.29 -24.91
CA LYS D 217 -14.14 -4.04 -25.29
C LYS D 217 -14.44 -4.07 -26.79
N ASP D 218 -13.55 -4.70 -27.57
CA ASP D 218 -13.77 -4.82 -29.03
C ASP D 218 -14.97 -5.70 -29.42
N LEU D 219 -15.10 -6.89 -28.85
CA LEU D 219 -16.27 -7.70 -29.17
C LEU D 219 -17.57 -6.98 -28.78
N ALA D 220 -17.59 -6.40 -27.57
CA ALA D 220 -18.79 -5.72 -27.07
C ALA D 220 -19.23 -4.52 -27.97
N THR D 221 -18.26 -3.78 -28.50
CA THR D 221 -18.60 -2.68 -29.38
C THR D 221 -19.15 -3.26 -30.68
N SER D 222 -18.62 -4.44 -31.06
CA SER D 222 -19.19 -5.14 -32.22
C SER D 222 -20.62 -5.57 -31.93
N LEU D 223 -20.89 -5.91 -30.67
CA LEU D 223 -22.26 -6.25 -30.25
C LEU D 223 -23.19 -5.06 -30.36
N LEU D 224 -22.81 -3.96 -29.72
CA LEU D 224 -23.57 -2.72 -29.78
C LEU D 224 -23.80 -2.26 -31.21
N ALA D 225 -22.71 -1.96 -31.89
CA ALA D 225 -22.75 -1.41 -33.23
C ALA D 225 -23.70 -2.19 -34.15
N LYS D 226 -23.72 -3.51 -34.04
CA LYS D 226 -24.58 -4.30 -34.93
C LYS D 226 -26.03 -4.36 -34.45
N THR D 227 -26.26 -4.22 -33.15
CA THR D 227 -27.61 -4.07 -32.63
C THR D 227 -28.20 -2.72 -33.02
N LEU D 228 -27.40 -1.66 -32.83
CA LEU D 228 -27.76 -0.28 -33.18
C LEU D 228 -27.94 -0.16 -34.69
N ASN D 229 -27.34 -1.09 -35.40
CA ASN D 229 -27.37 -1.13 -36.85
C ASN D 229 -26.61 0.05 -37.47
N SER D 230 -25.42 0.28 -36.92
CA SER D 230 -24.56 1.39 -37.29
C SER D 230 -24.13 1.31 -38.77
N ASP D 231 -23.62 2.41 -39.32
CA ASP D 231 -23.12 2.43 -40.70
C ASP D 231 -21.64 2.10 -40.78
N TYR D 232 -21.02 1.93 -39.62
CA TYR D 232 -19.60 1.65 -39.55
C TYR D 232 -19.29 1.21 -38.16
N LEU D 233 -18.31 0.33 -38.05
CA LEU D 233 -17.65 0.02 -36.81
C LEU D 233 -16.22 0.47 -36.98
N MET D 234 -15.77 1.38 -36.13
CA MET D 234 -14.36 1.75 -36.11
C MET D 234 -13.70 1.26 -34.83
N ILE D 235 -12.55 0.60 -35.00
CA ILE D 235 -11.70 0.22 -33.88
C ILE D 235 -10.42 1.05 -34.04
N LEU D 236 -10.17 1.97 -33.13
CA LEU D 236 -8.97 2.80 -33.25
C LEU D 236 -7.87 2.28 -32.34
N THR D 237 -6.70 2.04 -32.91
CA THR D 237 -5.65 1.38 -32.16
C THR D 237 -4.33 2.14 -32.25
N ASP D 238 -3.21 1.42 -32.16
CA ASP D 238 -1.91 2.09 -32.23
C ASP D 238 -1.06 1.67 -33.45
N VAL D 239 -1.64 0.84 -34.33
CA VAL D 239 -1.05 0.63 -35.66
C VAL D 239 -2.04 1.05 -36.76
N LEU D 240 -1.51 1.44 -37.91
CA LEU D 240 -2.30 2.06 -38.97
C LEU D 240 -3.14 1.06 -39.74
N ASN D 241 -2.69 -0.20 -39.74
CA ASN D 241 -3.35 -1.26 -40.50
C ASN D 241 -3.24 -2.57 -39.75
N ALA D 242 -4.06 -3.55 -40.12
CA ALA D 242 -3.81 -4.94 -39.74
C ALA D 242 -2.86 -5.56 -40.78
N CYS D 243 -1.96 -6.43 -40.33
CA CYS D 243 -1.01 -7.12 -41.22
C CYS D 243 -1.15 -8.66 -41.16
N ILE D 244 -0.66 -9.34 -42.19
CA ILE D 244 -0.40 -10.79 -42.10
C ILE D 244 1.11 -11.02 -42.09
N ASN D 245 1.54 -12.12 -41.50
CA ASN D 245 2.92 -12.22 -41.08
C ASN D 245 3.33 -10.90 -40.40
N TYR D 246 2.77 -10.60 -39.23
CA TYR D 246 3.08 -9.33 -38.55
C TYR D 246 4.57 -9.22 -38.22
N LYS D 247 5.15 -8.06 -38.50
CA LYS D 247 6.56 -7.83 -38.19
C LYS D 247 7.52 -8.86 -38.82
N LYS D 248 6.94 -9.89 -39.43
CA LYS D 248 7.75 -10.90 -40.09
C LYS D 248 8.09 -10.42 -41.51
N PRO D 249 9.30 -10.76 -41.99
CA PRO D 249 9.80 -10.17 -43.25
C PRO D 249 9.02 -10.49 -44.53
N ASP D 250 7.71 -10.68 -44.43
CA ASP D 250 6.84 -10.74 -45.61
C ASP D 250 5.51 -10.09 -45.27
N GLU D 251 5.60 -9.06 -44.43
CA GLU D 251 4.46 -8.33 -43.94
C GLU D 251 3.72 -7.68 -45.12
N ARG D 252 2.55 -8.21 -45.43
CA ARG D 252 1.61 -7.58 -46.35
C ARG D 252 0.52 -6.86 -45.54
N LYS D 253 0.55 -5.52 -45.56
CA LYS D 253 -0.49 -4.73 -44.90
C LYS D 253 -1.86 -4.93 -45.56
N LEU D 254 -2.90 -5.16 -44.75
CA LEU D 254 -4.26 -5.22 -45.28
C LEU D 254 -4.77 -3.80 -45.45
N GLU D 255 -5.27 -3.49 -46.63
CA GLU D 255 -5.91 -2.22 -46.90
C GLU D 255 -7.41 -2.46 -46.92
N GLU D 256 -8.03 -2.30 -48.08
CA GLU D 256 -9.45 -2.58 -48.23
C GLU D 256 -9.62 -4.06 -48.61
N ILE D 257 -10.37 -4.82 -47.82
CA ILE D 257 -10.42 -6.28 -48.00
C ILE D 257 -11.80 -6.86 -47.83
N LYS D 258 -12.17 -7.75 -48.73
CA LYS D 258 -13.47 -8.42 -48.65
C LYS D 258 -13.51 -9.47 -47.52
N LEU D 259 -14.72 -9.79 -47.09
CA LEU D 259 -14.93 -10.64 -45.93
C LEU D 259 -14.37 -12.07 -46.09
N SER D 260 -14.72 -12.74 -47.19
CA SER D 260 -14.28 -14.12 -47.38
C SER D 260 -12.77 -14.23 -47.36
N GLU D 261 -12.11 -13.15 -47.82
CA GLU D 261 -10.66 -13.13 -47.82
C GLU D 261 -10.14 -13.13 -46.38
N ILE D 262 -10.47 -12.08 -45.64
CA ILE D 262 -10.03 -11.98 -44.25
C ILE D 262 -10.53 -13.17 -43.41
N LEU D 263 -11.72 -13.67 -43.71
CA LEU D 263 -12.21 -14.91 -43.07
C LEU D 263 -11.18 -16.02 -43.15
N ALA D 264 -10.77 -16.33 -44.38
CA ALA D 264 -9.69 -17.29 -44.58
C ALA D 264 -8.42 -16.83 -43.86
N LEU D 265 -8.04 -15.57 -44.08
CA LEU D 265 -6.85 -15.01 -43.46
C LEU D 265 -6.71 -15.29 -41.96
N GLU D 266 -7.81 -15.13 -41.22
CA GLU D 266 -7.81 -15.38 -39.78
C GLU D 266 -7.80 -16.90 -39.49
N LYS D 267 -8.52 -17.66 -40.33
CA LYS D 267 -8.50 -19.13 -40.28
C LYS D 267 -7.07 -19.64 -40.32
N ASP D 268 -6.25 -19.02 -41.16
CA ASP D 268 -4.85 -19.41 -41.33
C ASP D 268 -3.90 -18.86 -40.24
N GLY D 269 -4.43 -18.16 -39.23
CA GLY D 269 -3.68 -17.90 -38.00
C GLY D 269 -2.89 -16.61 -37.83
N HIS D 270 -3.11 -15.62 -38.70
CA HIS D 270 -2.31 -14.41 -38.68
C HIS D 270 -2.57 -13.46 -37.49
N PHE D 271 -3.80 -13.37 -37.03
CA PHE D 271 -4.11 -12.41 -35.96
C PHE D 271 -4.00 -12.99 -34.53
N ALA D 272 -3.01 -12.50 -33.80
CA ALA D 272 -2.64 -12.98 -32.44
C ALA D 272 -3.73 -12.72 -31.38
N ALA D 273 -4.23 -13.80 -30.78
CA ALA D 273 -5.46 -13.78 -29.96
C ALA D 273 -5.56 -12.87 -28.72
N GLY D 274 -4.51 -12.14 -28.37
CA GLY D 274 -4.58 -11.25 -27.23
C GLY D 274 -4.75 -9.81 -27.67
N SER D 275 -4.23 -9.53 -28.88
CA SER D 275 -4.19 -8.18 -29.41
C SER D 275 -5.21 -8.01 -30.55
N MET D 276 -4.75 -8.31 -31.78
CA MET D 276 -5.48 -7.99 -33.01
C MET D 276 -6.48 -9.06 -33.44
N GLY D 277 -6.34 -10.27 -32.89
CA GLY D 277 -7.30 -11.33 -33.17
C GLY D 277 -8.73 -10.94 -32.82
N PRO D 278 -8.95 -10.46 -31.58
CA PRO D 278 -10.31 -10.07 -31.20
C PRO D 278 -10.84 -8.99 -32.15
N LYS D 279 -9.96 -8.07 -32.56
CA LYS D 279 -10.36 -6.93 -33.38
C LYS D 279 -10.85 -7.36 -34.73
N VAL D 280 -10.08 -8.22 -35.39
CA VAL D 280 -10.51 -8.81 -36.64
C VAL D 280 -11.77 -9.63 -36.44
N ARG D 281 -11.90 -10.27 -35.27
CA ARG D 281 -13.12 -11.06 -35.01
C ARG D 281 -14.31 -10.13 -34.94
N ALA D 282 -14.13 -9.06 -34.18
CA ALA D 282 -15.12 -8.01 -34.01
C ALA D 282 -15.57 -7.46 -35.36
N ALA D 283 -14.61 -6.95 -36.12
CA ALA D 283 -14.86 -6.40 -37.44
C ALA D 283 -15.65 -7.38 -38.31
N ILE D 284 -15.14 -8.61 -38.44
CA ILE D 284 -15.80 -9.62 -39.24
C ILE D 284 -17.27 -9.81 -38.88
N GLU D 285 -17.57 -9.99 -37.59
CA GLU D 285 -18.95 -10.25 -37.20
C GLU D 285 -19.89 -9.10 -37.52
N PHE D 286 -19.43 -7.88 -37.26
CA PHE D 286 -20.21 -6.69 -37.58
C PHE D 286 -20.54 -6.65 -39.06
N THR D 287 -19.52 -6.84 -39.89
CA THR D 287 -19.68 -6.76 -41.34
C THR D 287 -20.45 -7.96 -41.88
N GLN D 288 -20.31 -9.09 -41.18
CA GLN D 288 -21.08 -10.29 -41.51
C GLN D 288 -22.54 -10.11 -41.12
N ALA D 289 -22.78 -9.44 -40.00
CA ALA D 289 -24.16 -9.27 -39.50
C ALA D 289 -24.91 -8.07 -40.10
N THR D 290 -24.20 -7.00 -40.47
CA THR D 290 -24.87 -5.81 -41.03
C THR D 290 -24.62 -5.59 -42.51
N GLY D 291 -23.52 -6.13 -43.02
CA GLY D 291 -23.12 -5.88 -44.40
C GLY D 291 -22.54 -4.50 -44.62
N LYS D 292 -22.29 -3.75 -43.53
CA LYS D 292 -21.63 -2.44 -43.63
C LYS D 292 -20.13 -2.60 -43.42
N MET D 293 -19.37 -1.53 -43.66
CA MET D 293 -17.91 -1.60 -43.52
C MET D 293 -17.49 -1.50 -42.05
N SER D 294 -16.43 -2.25 -41.70
CA SER D 294 -15.77 -2.09 -40.41
C SER D 294 -14.32 -1.73 -40.66
N ILE D 295 -13.77 -0.92 -39.77
CA ILE D 295 -12.44 -0.34 -39.94
C ILE D 295 -11.53 -0.60 -38.75
N ILE D 296 -10.29 -0.99 -39.05
CA ILE D 296 -9.23 -1.14 -38.06
C ILE D 296 -8.05 -0.28 -38.51
N THR D 297 -7.76 0.79 -37.77
CA THR D 297 -6.61 1.63 -38.07
C THR D 297 -6.29 2.47 -36.85
N SER D 298 -5.27 3.33 -36.97
CA SER D 298 -4.83 4.12 -35.83
C SER D 298 -5.78 5.27 -35.50
N LEU D 299 -5.73 5.66 -34.23
CA LEU D 299 -6.57 6.72 -33.70
C LEU D 299 -6.41 8.06 -34.46
N SER D 300 -5.21 8.36 -34.93
CA SER D 300 -4.95 9.69 -35.52
C SER D 300 -5.23 9.77 -37.02
N THR D 301 -5.55 8.63 -37.62
CA THR D 301 -5.92 8.59 -39.05
C THR D 301 -7.35 8.04 -39.21
N ALA D 302 -8.22 8.42 -38.28
CA ALA D 302 -9.58 7.89 -38.24
C ALA D 302 -10.45 8.44 -39.37
N VAL D 303 -10.55 9.77 -39.45
CA VAL D 303 -11.41 10.36 -40.46
C VAL D 303 -10.92 10.01 -41.87
N ASP D 304 -9.60 9.97 -42.03
CA ASP D 304 -8.98 9.51 -43.26
C ASP D 304 -9.48 8.13 -43.66
N ALA D 305 -9.51 7.20 -42.71
CA ALA D 305 -9.99 5.85 -43.02
C ALA D 305 -11.43 5.91 -43.45
N LEU D 306 -12.21 6.78 -42.80
CA LEU D 306 -13.62 6.96 -43.12
C LEU D 306 -13.74 7.46 -44.56
N ASN D 307 -12.82 8.34 -44.94
CA ASN D 307 -12.78 8.87 -46.30
C ASN D 307 -12.19 7.88 -47.33
N GLY D 308 -11.88 6.67 -46.89
CA GLY D 308 -11.35 5.62 -47.76
C GLY D 308 -9.93 5.82 -48.24
N LYS D 309 -9.11 6.57 -47.51
CA LYS D 309 -7.79 6.94 -48.01
C LYS D 309 -6.62 6.15 -47.38
N CYS D 310 -6.95 5.24 -46.46
CA CYS D 310 -5.96 4.39 -45.78
C CYS D 310 -6.70 3.42 -44.85
N GLY D 311 -5.95 2.77 -43.96
CA GLY D 311 -6.54 1.86 -42.99
C GLY D 311 -7.11 0.56 -43.53
N THR D 312 -7.12 -0.48 -42.70
CA THR D 312 -7.72 -1.77 -43.04
C THR D 312 -9.24 -1.66 -43.06
N ARG D 313 -9.85 -1.76 -44.22
CA ARG D 313 -11.29 -1.65 -44.31
C ARG D 313 -11.91 -2.96 -44.80
N ILE D 314 -12.74 -3.57 -43.97
CA ILE D 314 -13.37 -4.84 -44.31
C ILE D 314 -14.75 -4.60 -44.94
N ILE D 315 -15.02 -5.28 -46.05
CA ILE D 315 -16.12 -4.95 -46.95
C ILE D 315 -16.91 -6.19 -47.36
N LYS D 316 -18.24 -6.09 -47.39
CA LYS D 316 -19.09 -7.24 -47.67
C LYS D 316 -18.79 -7.84 -49.04
N ASP D 317 -19.01 -9.16 -49.15
CA ASP D 317 -18.90 -9.83 -50.43
C ASP D 317 -19.94 -9.29 -51.43
#